data_1BY3
#
_entry.id   1BY3
#
_cell.length_a   132.900
_cell.length_b   89.900
_cell.length_c   90.000
_cell.angle_alpha   90.00
_cell.angle_beta   95.20
_cell.angle_gamma   90.00
#
_symmetry.space_group_name_H-M   'C 1 2 1'
#
loop_
_entity.id
_entity.type
_entity.pdbx_description
1 polymer 'PROTEIN (FERRICHROME-IRON RECEPTOR PRECURSOR (FHUA))'
2 non-polymer 'N-OCTYL-2-HYDROXYETHYL SULFOXIDE'
3 water water
#
_entity_poly.entity_id   1
_entity_poly.type   'polypeptide(L)'
_entity_poly.pdbx_seq_one_letter_code
;AVEPKEDTITVTAAPAPQESAWGPAATIAARQSATGTKTDTPIQKVPQSISVVTAEEMALHQPKSVKEALSYTPGVSVGT
RGASNTYDHLIIRGFAAEGQSQNNYLNGLKLQGNFYNDAVIDPYMLERAEIMRGPVSVLYGKSSPGGLLNMVSKRPTTEP
LKEVQFKAGTDSLFQTGFDFSDSLDDDGVYSYRLTGLARSANAQQKGSEEQRYAIAPAFTWRPDDKTNFTFLSYFQNEPE
TGYYGWLPKEGTVEPLPNGKRLPTDFNEGAKNNTYSRNEKMVGYSFDHEFNDTFTVRQNLRFAENKTSQNSVYGYGVCSD
PANAYSKQCAALAPADKGHYLARKYVVDDEKLQNFSVDTQLQSKFATGDIDHTLLTGVDFMRMRNDINAWFGYDDSVPLL
NLYNPVNTDFDFNAKDPANSGPYRILNKQKQTGVYVQDQAQWDKVLVTLGGRYDWADQESLNRVAGTTDKRDDKQFTWRG
GVNYLFDNGVTPYFSYSESFEPSSQVGKDGNIFAPSKGKQYEVGVKYVPEDRPIVVTGAVYNLTKTNNLMADPEGSFFSV
EGGEIRARGVEIEAKRPLSASVNVVGSYTYTDAEYTTDTTYKGNTPAQVPKHMASLWADYTFFDGPLSGLTLGTGGRYTG
SSYGDPANSFKVGSYTVVDALVRYDLARVGMAGSNVALHVNNLFDREYVASCFNTYGCFWGAERQVVATATFRF
;
_entity_poly.pdbx_strand_id   A
#
# COMPACT_ATOMS: atom_id res chain seq x y z
N SER A 20 -21.78 16.21 -11.37
CA SER A 20 -21.51 14.90 -10.71
C SER A 20 -20.37 14.95 -9.70
N ALA A 21 -20.69 14.54 -8.47
CA ALA A 21 -19.79 14.52 -7.32
C ALA A 21 -18.28 14.39 -7.53
N TRP A 22 -17.85 13.42 -8.35
CA TRP A 22 -16.41 13.21 -8.53
C TRP A 22 -15.68 14.21 -9.43
N GLY A 23 -16.43 15.01 -10.18
CA GLY A 23 -15.81 15.99 -11.05
C GLY A 23 -15.05 17.01 -10.23
N PRO A 24 -15.75 17.78 -9.41
CA PRO A 24 -15.10 18.79 -8.56
C PRO A 24 -14.26 18.21 -7.42
N ALA A 25 -14.61 17.00 -6.99
CA ALA A 25 -13.90 16.32 -5.90
C ALA A 25 -12.43 16.01 -6.21
N ALA A 26 -12.18 15.41 -7.37
CA ALA A 26 -10.81 15.06 -7.74
C ALA A 26 -9.95 16.30 -8.00
N THR A 27 -10.59 17.44 -8.22
CA THR A 27 -9.83 18.67 -8.53
C THR A 27 -9.90 19.79 -7.49
N ILE A 28 -10.91 19.78 -6.63
CA ILE A 28 -11.03 20.83 -5.63
C ILE A 28 -10.81 20.30 -4.22
N ALA A 29 -11.67 19.36 -3.81
CA ALA A 29 -11.55 18.76 -2.49
C ALA A 29 -10.19 18.10 -2.37
N ALA A 30 -9.81 17.41 -3.44
CA ALA A 30 -8.53 16.72 -3.50
C ALA A 30 -7.36 17.68 -3.30
N ARG A 31 -7.66 18.95 -3.09
CA ARG A 31 -6.61 19.95 -2.90
C ARG A 31 -6.14 20.08 -1.46
N GLN A 32 -6.96 19.61 -0.53
CA GLN A 32 -6.62 19.67 0.89
C GLN A 32 -5.89 18.41 1.34
N SER A 33 -4.93 18.57 2.24
CA SER A 33 -4.18 17.41 2.75
C SER A 33 -3.53 17.65 4.12
N ALA A 34 -3.06 16.57 4.75
CA ALA A 34 -2.42 16.68 6.05
C ALA A 34 -1.33 15.65 6.27
N THR A 35 -1.21 14.69 5.37
CA THR A 35 -0.18 13.69 5.51
C THR A 35 1.22 14.27 5.32
N GLY A 36 1.32 15.40 4.62
CA GLY A 36 2.60 16.02 4.37
C GLY A 36 3.12 16.94 5.46
N THR A 37 2.20 17.56 6.20
CA THR A 37 2.60 18.50 7.25
C THR A 37 1.93 18.25 8.61
N LYS A 38 0.95 17.35 8.64
CA LYS A 38 0.17 17.02 9.84
C LYS A 38 -0.81 18.12 10.22
N THR A 39 -0.66 19.27 9.59
CA THR A 39 -1.57 20.40 9.78
C THR A 39 -2.29 20.54 8.44
N ASP A 40 -3.48 21.12 8.43
CA ASP A 40 -4.23 21.29 7.19
C ASP A 40 -3.46 22.21 6.25
N THR A 41 -2.96 21.65 5.16
CA THR A 41 -2.19 22.42 4.21
C THR A 41 -2.56 22.06 2.77
N PRO A 42 -2.78 23.08 1.93
CA PRO A 42 -3.14 22.80 0.53
C PRO A 42 -1.94 22.27 -0.22
N ILE A 43 -2.21 21.42 -1.21
CA ILE A 43 -1.17 20.80 -2.02
C ILE A 43 -0.04 21.74 -2.43
N GLN A 44 -0.39 22.96 -2.83
CA GLN A 44 0.60 23.94 -3.29
C GLN A 44 1.62 24.37 -2.24
N LYS A 45 1.23 24.35 -0.97
CA LYS A 45 2.10 24.77 0.10
C LYS A 45 2.89 23.61 0.70
N VAL A 46 2.80 22.44 0.08
CA VAL A 46 3.53 21.29 0.59
C VAL A 46 4.75 21.09 -0.31
N PRO A 47 5.96 21.19 0.28
CA PRO A 47 7.25 21.04 -0.42
C PRO A 47 7.64 19.61 -0.76
N GLN A 48 6.67 18.80 -1.13
CA GLN A 48 6.92 17.41 -1.49
C GLN A 48 5.79 16.90 -2.37
N SER A 49 6.03 15.78 -3.02
CA SER A 49 5.02 15.17 -3.90
C SER A 49 4.00 14.42 -3.04
N ILE A 50 2.74 14.82 -3.17
CA ILE A 50 1.66 14.21 -2.41
C ILE A 50 0.40 14.08 -3.26
N SER A 51 -0.20 12.88 -3.27
CA SER A 51 -1.41 12.63 -4.02
C SER A 51 -2.56 12.21 -3.11
N VAL A 52 -3.78 12.59 -3.46
CA VAL A 52 -4.93 12.22 -2.66
C VAL A 52 -6.11 11.81 -3.53
N VAL A 53 -6.67 10.66 -3.21
CA VAL A 53 -7.83 10.15 -3.92
C VAL A 53 -9.02 10.27 -2.98
N THR A 54 -10.08 10.89 -3.45
CA THR A 54 -11.28 11.09 -2.65
C THR A 54 -12.16 9.86 -2.70
N ALA A 55 -13.17 9.82 -1.83
CA ALA A 55 -14.09 8.70 -1.80
C ALA A 55 -14.94 8.77 -3.07
N GLU A 56 -15.36 9.98 -3.46
CA GLU A 56 -16.16 10.15 -4.68
C GLU A 56 -15.49 9.43 -5.83
N GLU A 57 -14.18 9.66 -5.97
CA GLU A 57 -13.43 9.01 -7.03
C GLU A 57 -13.49 7.49 -6.83
N MET A 58 -13.19 7.05 -5.60
CA MET A 58 -13.24 5.63 -5.30
C MET A 58 -14.63 5.05 -5.58
N ALA A 59 -15.68 5.81 -5.28
CA ALA A 59 -17.04 5.34 -5.53
C ALA A 59 -17.20 5.10 -7.02
N LEU A 60 -16.60 5.98 -7.82
CA LEU A 60 -16.67 5.86 -9.26
C LEU A 60 -15.96 4.60 -9.78
N HIS A 61 -14.69 4.47 -9.40
CA HIS A 61 -13.90 3.35 -9.88
C HIS A 61 -14.13 2.00 -9.21
N GLN A 62 -14.69 2.00 -8.01
CA GLN A 62 -14.91 0.76 -7.27
C GLN A 62 -13.63 -0.08 -7.20
N PRO A 63 -12.52 0.52 -6.73
CA PRO A 63 -11.29 -0.28 -6.66
C PRO A 63 -11.52 -1.43 -5.69
N LYS A 64 -10.90 -2.58 -5.93
CA LYS A 64 -11.10 -3.70 -5.02
C LYS A 64 -10.23 -3.59 -3.78
N SER A 65 -9.18 -2.76 -3.85
CA SER A 65 -8.29 -2.55 -2.71
C SER A 65 -7.77 -1.13 -2.77
N VAL A 66 -6.95 -0.75 -1.81
CA VAL A 66 -6.39 0.60 -1.80
C VAL A 66 -5.38 0.72 -2.92
N LYS A 67 -4.74 -0.39 -3.28
CA LYS A 67 -3.74 -0.39 -4.34
C LYS A 67 -4.27 0.16 -5.65
N GLU A 68 -5.34 -0.45 -6.15
CA GLU A 68 -5.96 -0.02 -7.40
C GLU A 68 -6.49 1.42 -7.35
N ALA A 69 -6.61 1.97 -6.15
CA ALA A 69 -7.12 3.32 -6.03
C ALA A 69 -6.03 4.34 -6.33
N LEU A 70 -4.80 3.88 -6.46
CA LEU A 70 -3.69 4.77 -6.74
C LEU A 70 -3.20 4.62 -8.17
N SER A 71 -3.90 3.77 -8.93
CA SER A 71 -3.58 3.47 -10.33
C SER A 71 -3.15 4.64 -11.21
N TYR A 72 -3.93 5.71 -11.19
CA TYR A 72 -3.64 6.86 -12.01
C TYR A 72 -2.78 7.96 -11.39
N THR A 73 -1.99 7.59 -10.38
CA THR A 73 -1.10 8.54 -9.71
C THR A 73 0.31 8.07 -10.04
N PRO A 74 1.25 9.01 -10.17
CA PRO A 74 2.65 8.73 -10.48
C PRO A 74 3.53 8.19 -9.37
N GLY A 75 4.65 7.60 -9.77
CA GLY A 75 5.64 7.07 -8.83
C GLY A 75 5.34 5.85 -7.97
N VAL A 76 4.34 5.06 -8.35
CA VAL A 76 3.99 3.89 -7.56
C VAL A 76 3.50 2.70 -8.38
N SER A 77 3.97 1.52 -8.01
CA SER A 77 3.56 0.28 -8.68
C SER A 77 2.52 -0.42 -7.80
N VAL A 78 1.26 -0.30 -8.21
CA VAL A 78 0.16 -0.87 -7.47
C VAL A 78 -0.20 -2.33 -7.73
N GLY A 79 0.40 -2.95 -8.75
CA GLY A 79 0.07 -4.34 -9.03
C GLY A 79 1.21 -5.30 -9.25
N THR A 80 2.33 -5.09 -8.56
CA THR A 80 3.49 -5.95 -8.72
C THR A 80 3.22 -7.42 -8.34
N ARG A 81 2.33 -7.65 -7.38
CA ARG A 81 2.02 -9.00 -6.94
C ARG A 81 0.87 -9.61 -7.74
N GLY A 82 0.58 -9.02 -8.89
CA GLY A 82 -0.46 -9.55 -9.74
C GLY A 82 -1.84 -9.72 -9.14
N ALA A 83 -2.46 -10.85 -9.45
CA ALA A 83 -3.81 -11.18 -9.00
C ALA A 83 -4.02 -11.28 -7.48
N SER A 84 -2.98 -11.65 -6.74
CA SER A 84 -3.13 -11.74 -5.29
C SER A 84 -3.53 -10.41 -4.67
N ASN A 85 -4.44 -10.46 -3.69
CA ASN A 85 -4.92 -9.27 -3.02
C ASN A 85 -4.78 -9.38 -1.49
N THR A 86 -3.97 -10.33 -1.05
CA THR A 86 -3.78 -10.53 0.38
C THR A 86 -3.25 -9.30 1.13
N TYR A 87 -2.31 -8.60 0.52
CA TYR A 87 -1.72 -7.43 1.15
C TYR A 87 -1.74 -6.20 0.25
N ASP A 88 -1.67 -5.03 0.85
CA ASP A 88 -1.64 -3.80 0.08
C ASP A 88 -0.19 -3.32 0.03
N HIS A 89 0.69 -4.15 -0.54
CA HIS A 89 2.09 -3.80 -0.67
C HIS A 89 2.30 -2.81 -1.81
N LEU A 90 3.00 -1.71 -1.55
CA LEU A 90 3.25 -0.72 -2.59
C LEU A 90 4.74 -0.43 -2.72
N ILE A 91 5.22 -0.30 -3.97
CA ILE A 91 6.62 0.04 -4.21
C ILE A 91 6.60 1.48 -4.71
N ILE A 92 7.10 2.39 -3.87
CA ILE A 92 7.11 3.80 -4.21
C ILE A 92 8.51 4.24 -4.60
N ARG A 93 8.62 4.91 -5.75
CA ARG A 93 9.89 5.39 -6.29
C ARG A 93 10.96 4.29 -6.21
N GLY A 94 10.57 3.09 -6.63
CA GLY A 94 11.49 1.97 -6.65
C GLY A 94 11.91 1.36 -5.33
N PHE A 95 11.29 1.80 -4.22
CA PHE A 95 11.64 1.26 -2.90
C PHE A 95 10.48 0.62 -2.16
N ALA A 96 10.78 -0.48 -1.48
CA ALA A 96 9.80 -1.19 -0.67
C ALA A 96 10.31 -0.97 0.74
N ALA A 97 9.52 -1.33 1.74
CA ALA A 97 9.95 -1.15 3.12
C ALA A 97 10.80 -2.31 3.61
N GLU A 98 11.48 -2.09 4.72
CA GLU A 98 12.33 -3.10 5.36
C GLU A 98 11.54 -4.38 5.58
N GLY A 99 12.18 -5.52 5.36
CA GLY A 99 11.51 -6.80 5.57
C GLY A 99 10.31 -7.04 4.68
N GLN A 100 10.21 -6.27 3.60
CA GLN A 100 9.11 -6.41 2.67
C GLN A 100 7.73 -6.18 3.31
N SER A 101 7.71 -5.55 4.48
CA SER A 101 6.47 -5.27 5.19
C SER A 101 5.78 -4.05 4.59
N GLN A 102 4.49 -3.92 4.85
CA GLN A 102 3.71 -2.79 4.36
C GLN A 102 4.22 -1.50 5.03
N ASN A 103 3.81 -0.34 4.51
CA ASN A 103 4.16 0.93 5.12
C ASN A 103 2.91 1.79 4.98
N ASN A 104 1.86 1.37 5.68
CA ASN A 104 0.61 2.09 5.63
C ASN A 104 0.19 2.60 7.00
N TYR A 105 -0.42 3.78 7.01
CA TYR A 105 -0.88 4.42 8.23
C TYR A 105 -2.39 4.56 8.09
N LEU A 106 -3.12 4.49 9.21
CA LEU A 106 -4.56 4.64 9.13
C LEU A 106 -4.91 6.08 9.37
N ASN A 107 -5.17 6.49 10.60
CA ASN A 107 -5.51 7.90 10.75
C ASN A 107 -4.36 8.70 11.37
N GLY A 108 -3.25 8.78 10.64
CA GLY A 108 -2.07 9.49 11.10
C GLY A 108 -1.20 8.60 11.98
N LEU A 109 -1.64 7.36 12.17
CA LEU A 109 -0.91 6.39 12.97
C LEU A 109 -0.64 5.15 12.13
N LYS A 110 0.55 4.60 12.28
CA LYS A 110 0.94 3.43 11.50
C LYS A 110 0.35 2.09 11.92
N LEU A 111 -0.15 1.34 10.93
CA LEU A 111 -0.66 0.02 11.21
C LEU A 111 0.63 -0.77 11.22
N GLN A 112 1.36 -0.71 12.32
CA GLN A 112 2.62 -1.42 12.44
C GLN A 112 2.39 -2.94 12.42
N GLY A 113 2.97 -3.60 11.43
CA GLY A 113 2.82 -5.04 11.30
C GLY A 113 4.15 -5.72 11.59
N ASN A 114 4.23 -7.01 11.27
CA ASN A 114 5.44 -7.79 11.51
C ASN A 114 5.31 -9.18 10.88
N PHE A 115 6.35 -9.62 10.19
CA PHE A 115 6.34 -10.92 9.54
C PHE A 115 5.06 -10.96 8.70
N TYR A 116 4.32 -12.06 8.74
CA TYR A 116 3.08 -12.13 7.95
C TYR A 116 1.94 -11.29 8.50
N ASN A 117 2.08 -10.83 9.74
CA ASN A 117 1.02 -10.05 10.34
C ASN A 117 0.95 -8.61 9.83
N ASP A 118 0.18 -8.42 8.78
CA ASP A 118 -0.01 -7.11 8.17
C ASP A 118 -1.49 -6.85 7.93
N ALA A 119 -2.01 -5.77 8.52
CA ALA A 119 -3.40 -5.39 8.44
C ALA A 119 -3.77 -4.74 7.12
N VAL A 120 -5.05 -4.83 6.79
CA VAL A 120 -5.57 -4.30 5.56
C VAL A 120 -6.92 -3.66 5.88
N ILE A 121 -7.28 -2.63 5.12
CA ILE A 121 -8.53 -1.90 5.30
C ILE A 121 -9.26 -1.83 3.97
N ASP A 122 -10.50 -2.31 3.93
CA ASP A 122 -11.26 -2.28 2.68
C ASP A 122 -11.49 -0.84 2.23
N PRO A 123 -11.42 -0.57 0.92
CA PRO A 123 -11.63 0.79 0.42
C PRO A 123 -13.02 1.38 0.70
N TYR A 124 -14.02 0.52 0.85
CA TYR A 124 -15.38 0.99 1.12
C TYR A 124 -15.55 1.58 2.51
N MET A 125 -14.51 1.52 3.32
CA MET A 125 -14.52 2.05 4.68
C MET A 125 -13.72 3.35 4.74
N LEU A 126 -13.11 3.70 3.62
CA LEU A 126 -12.28 4.90 3.53
C LEU A 126 -12.97 6.14 2.98
N GLU A 127 -12.51 7.29 3.46
CA GLU A 127 -13.03 8.58 3.04
C GLU A 127 -11.98 9.17 2.12
N ARG A 128 -10.73 8.93 2.47
CA ARG A 128 -9.62 9.47 1.74
C ARG A 128 -8.48 8.47 1.69
N ALA A 129 -7.52 8.78 0.84
CA ALA A 129 -6.31 7.98 0.66
C ALA A 129 -5.30 8.98 0.14
N GLU A 130 -4.32 9.29 0.96
CA GLU A 130 -3.30 10.23 0.58
C GLU A 130 -1.98 9.49 0.52
N ILE A 131 -1.15 9.81 -0.46
CA ILE A 131 0.12 9.15 -0.54
C ILE A 131 1.29 10.13 -0.66
N MET A 132 2.24 9.96 0.25
CA MET A 132 3.44 10.77 0.29
C MET A 132 4.52 10.05 -0.49
N ARG A 133 5.33 10.82 -1.22
CA ARG A 133 6.42 10.24 -1.99
C ARG A 133 7.73 10.77 -1.43
N GLY A 134 8.70 9.89 -1.26
CA GLY A 134 9.96 10.31 -0.70
C GLY A 134 9.99 10.19 0.81
N PRO A 135 11.09 10.56 1.47
CA PRO A 135 11.25 10.50 2.92
C PRO A 135 10.38 11.46 3.73
N VAL A 136 9.97 11.02 4.92
CA VAL A 136 9.13 11.84 5.81
C VAL A 136 9.24 11.42 7.26
N SER A 137 10.36 10.83 7.66
CA SER A 137 10.51 10.43 9.04
C SER A 137 10.37 11.66 9.91
N VAL A 138 10.52 12.82 9.29
CA VAL A 138 10.41 14.12 9.97
C VAL A 138 9.13 14.21 10.81
N LEU A 139 8.06 13.64 10.28
CA LEU A 139 6.76 13.66 10.93
C LEU A 139 6.31 12.31 11.48
N TYR A 140 6.85 11.22 10.95
CA TYR A 140 6.42 9.89 11.37
C TYR A 140 7.43 8.90 11.95
N GLY A 141 8.66 9.32 12.15
CA GLY A 141 9.64 8.37 12.69
C GLY A 141 10.13 7.42 11.60
N LYS A 142 10.66 6.27 11.99
CA LYS A 142 11.18 5.32 11.02
C LYS A 142 10.25 5.02 9.85
N SER A 143 10.76 5.25 8.63
CA SER A 143 9.98 5.02 7.42
C SER A 143 10.83 4.58 6.23
N SER A 144 10.18 4.06 5.20
CA SER A 144 10.86 3.62 3.99
C SER A 144 11.22 4.84 3.14
N PRO A 145 12.40 4.82 2.51
CA PRO A 145 12.88 5.91 1.66
C PRO A 145 11.82 6.38 0.65
N GLY A 146 11.23 5.41 -0.03
CA GLY A 146 10.23 5.68 -1.06
C GLY A 146 8.98 6.49 -0.73
N GLY A 147 8.48 6.35 0.50
CA GLY A 147 7.29 7.09 0.88
C GLY A 147 6.33 6.26 1.73
N LEU A 148 5.11 6.77 1.92
CA LEU A 148 4.12 6.06 2.73
C LEU A 148 2.68 6.37 2.35
N LEU A 149 1.78 5.47 2.71
CA LEU A 149 0.36 5.63 2.42
C LEU A 149 -0.39 5.94 3.73
N ASN A 150 -1.40 6.79 3.67
CA ASN A 150 -2.16 7.11 4.87
C ASN A 150 -3.64 7.08 4.49
N MET A 151 -4.41 6.21 5.13
CA MET A 151 -5.82 6.08 4.82
C MET A 151 -6.70 6.76 5.86
N VAL A 152 -7.63 7.59 5.42
CA VAL A 152 -8.52 8.27 6.37
C VAL A 152 -9.86 7.54 6.47
N SER A 153 -10.23 7.14 7.68
CA SER A 153 -11.48 6.42 7.92
C SER A 153 -12.68 7.33 7.70
N LYS A 154 -13.82 6.74 7.36
CA LYS A 154 -15.06 7.48 7.16
C LYS A 154 -15.50 8.00 8.53
N ARG A 155 -15.88 9.27 8.60
CA ARG A 155 -16.32 9.83 9.87
C ARG A 155 -17.83 10.05 9.77
N PRO A 156 -18.50 10.19 10.92
CA PRO A 156 -19.95 10.41 10.91
C PRO A 156 -20.31 11.73 10.24
N THR A 157 -21.29 11.71 9.35
CA THR A 157 -21.74 12.92 8.67
C THR A 157 -22.85 13.54 9.55
N THR A 158 -22.94 14.85 9.58
CA THR A 158 -23.97 15.49 10.39
C THR A 158 -25.25 15.61 9.56
N GLU A 159 -25.16 15.13 8.32
CA GLU A 159 -26.24 15.12 7.35
C GLU A 159 -26.54 13.63 7.15
N PRO A 160 -27.78 13.20 7.40
CA PRO A 160 -28.12 11.78 7.25
C PRO A 160 -27.64 11.09 5.97
N LEU A 161 -27.29 9.82 6.13
CA LEU A 161 -26.83 8.95 5.05
C LEU A 161 -27.35 7.56 5.35
N LYS A 162 -28.09 6.98 4.41
CA LYS A 162 -28.66 5.65 4.56
C LYS A 162 -28.39 4.96 3.23
N GLU A 163 -27.40 4.08 3.20
CA GLU A 163 -27.02 3.42 1.96
C GLU A 163 -26.85 1.90 2.00
N VAL A 164 -27.37 1.23 0.98
CA VAL A 164 -27.24 -0.21 0.89
C VAL A 164 -26.65 -0.42 -0.50
N GLN A 165 -25.74 -1.39 -0.62
CA GLN A 165 -25.08 -1.68 -1.90
C GLN A 165 -24.96 -3.17 -2.18
N PHE A 166 -25.22 -3.55 -3.43
CA PHE A 166 -25.16 -4.94 -3.88
C PHE A 166 -24.17 -5.12 -5.01
N LYS A 167 -23.28 -6.10 -4.88
CA LYS A 167 -22.28 -6.37 -5.91
C LYS A 167 -22.35 -7.81 -6.40
N ALA A 168 -22.12 -7.99 -7.69
CA ALA A 168 -22.11 -9.32 -8.28
C ALA A 168 -21.26 -9.29 -9.54
N GLY A 169 -20.47 -10.34 -9.75
CA GLY A 169 -19.64 -10.37 -10.95
C GLY A 169 -18.80 -11.61 -11.12
N THR A 170 -17.94 -11.56 -12.12
CA THR A 170 -17.01 -12.63 -12.47
C THR A 170 -16.43 -13.38 -11.26
N ASP A 171 -16.12 -14.65 -11.48
CA ASP A 171 -15.54 -15.50 -10.44
C ASP A 171 -16.43 -15.68 -9.21
N SER A 172 -17.74 -15.67 -9.42
CA SER A 172 -18.68 -15.84 -8.31
C SER A 172 -18.52 -14.77 -7.23
N LEU A 173 -18.20 -13.56 -7.65
CA LEU A 173 -18.06 -12.49 -6.68
C LEU A 173 -19.43 -12.03 -6.22
N PHE A 174 -19.67 -12.15 -4.91
CA PHE A 174 -20.93 -11.70 -4.33
C PHE A 174 -20.60 -10.83 -3.13
N GLN A 175 -21.17 -9.63 -3.10
CA GLN A 175 -20.94 -8.71 -2.01
C GLN A 175 -22.15 -7.86 -1.69
N THR A 176 -22.29 -7.55 -0.41
CA THR A 176 -23.36 -6.71 0.07
C THR A 176 -22.74 -5.78 1.12
N GLY A 177 -23.28 -4.59 1.23
CA GLY A 177 -22.74 -3.64 2.19
C GLY A 177 -23.70 -2.51 2.50
N PHE A 178 -23.42 -1.84 3.61
CA PHE A 178 -24.25 -0.73 4.03
C PHE A 178 -23.37 0.34 4.67
N ASP A 179 -23.88 1.56 4.67
CA ASP A 179 -23.18 2.69 5.25
C ASP A 179 -24.27 3.62 5.78
N PHE A 180 -24.36 3.70 7.10
CA PHE A 180 -25.36 4.54 7.72
C PHE A 180 -24.75 5.55 8.65
N SER A 181 -25.21 6.79 8.55
CA SER A 181 -24.73 7.85 9.41
C SER A 181 -25.88 8.76 9.76
N ASP A 182 -25.94 9.24 11.00
CA ASP A 182 -26.98 10.16 11.42
C ASP A 182 -26.71 10.80 12.77
N SER A 183 -27.57 11.74 13.15
CA SER A 183 -27.45 12.42 14.42
C SER A 183 -28.37 11.76 15.43
N LEU A 184 -27.93 11.69 16.68
CA LEU A 184 -28.74 11.06 17.73
C LEU A 184 -29.46 12.13 18.52
N ASP A 185 -28.79 13.26 18.71
CA ASP A 185 -29.39 14.36 19.44
C ASP A 185 -30.13 15.19 18.40
N ASP A 186 -30.57 16.37 18.80
CA ASP A 186 -31.29 17.24 17.89
C ASP A 186 -30.42 18.35 17.32
N ASP A 187 -29.37 18.73 18.04
CA ASP A 187 -28.49 19.80 17.58
C ASP A 187 -27.24 19.31 16.86
N GLY A 188 -26.96 18.02 16.96
CA GLY A 188 -25.78 17.46 16.31
C GLY A 188 -24.60 17.26 17.24
N VAL A 189 -24.91 17.08 18.52
CA VAL A 189 -23.89 16.87 19.55
C VAL A 189 -23.37 15.44 19.53
N TYR A 190 -24.26 14.51 19.21
CA TYR A 190 -23.91 13.10 19.12
C TYR A 190 -24.33 12.59 17.76
N SER A 191 -23.39 12.09 16.99
CA SER A 191 -23.68 11.56 15.67
C SER A 191 -22.91 10.25 15.57
N TYR A 192 -23.22 9.44 14.57
CA TYR A 192 -22.55 8.15 14.43
C TYR A 192 -22.49 7.73 12.98
N ARG A 193 -21.81 6.62 12.75
CA ARG A 193 -21.69 6.04 11.43
C ARG A 193 -21.34 4.57 11.57
N LEU A 194 -22.15 3.73 10.94
CA LEU A 194 -21.94 2.30 10.98
C LEU A 194 -21.90 1.82 9.54
N THR A 195 -20.76 1.27 9.14
CA THR A 195 -20.62 0.81 7.77
C THR A 195 -19.94 -0.56 7.74
N GLY A 196 -20.58 -1.52 7.08
CA GLY A 196 -20.00 -2.85 7.02
C GLY A 196 -20.21 -3.52 5.68
N LEU A 197 -19.50 -4.63 5.46
CA LEU A 197 -19.65 -5.35 4.22
C LEU A 197 -19.34 -6.82 4.41
N ALA A 198 -19.87 -7.63 3.50
CA ALA A 198 -19.64 -9.07 3.51
C ALA A 198 -19.38 -9.42 2.06
N ARG A 199 -18.24 -10.03 1.79
CA ARG A 199 -17.89 -10.40 0.43
C ARG A 199 -17.45 -11.83 0.31
N SER A 200 -17.79 -12.45 -0.81
CA SER A 200 -17.40 -13.82 -1.08
C SER A 200 -17.01 -13.87 -2.54
N ALA A 201 -15.96 -14.63 -2.86
CA ALA A 201 -15.52 -14.72 -4.24
C ALA A 201 -14.50 -15.81 -4.44
N ASN A 202 -14.35 -16.23 -5.69
CA ASN A 202 -13.38 -17.24 -6.04
C ASN A 202 -12.14 -16.47 -6.43
N ALA A 203 -10.97 -17.00 -6.12
CA ALA A 203 -9.74 -16.34 -6.52
C ALA A 203 -9.58 -16.63 -8.01
N GLN A 204 -8.59 -16.02 -8.65
CA GLN A 204 -8.34 -16.26 -10.06
C GLN A 204 -7.82 -17.68 -10.19
N GLN A 205 -6.92 -18.05 -9.29
CA GLN A 205 -6.34 -19.39 -9.30
C GLN A 205 -7.38 -20.43 -8.88
N LYS A 206 -7.40 -21.55 -9.58
CA LYS A 206 -8.33 -22.65 -9.30
C LYS A 206 -8.18 -23.16 -7.87
N GLY A 207 -9.32 -23.39 -7.21
CA GLY A 207 -9.29 -23.91 -5.86
C GLY A 207 -9.20 -22.88 -4.74
N SER A 208 -8.84 -21.64 -5.08
CA SER A 208 -8.75 -20.60 -4.07
C SER A 208 -9.98 -19.69 -4.02
N GLU A 209 -10.24 -19.15 -2.84
CA GLU A 209 -11.37 -18.27 -2.64
C GLU A 209 -11.06 -17.24 -1.58
N GLU A 210 -11.83 -16.16 -1.56
CA GLU A 210 -11.63 -15.14 -0.56
C GLU A 210 -12.96 -14.74 0.06
N GLN A 211 -12.96 -14.68 1.38
CA GLN A 211 -14.13 -14.29 2.15
C GLN A 211 -13.71 -13.15 3.05
N ARG A 212 -14.60 -12.18 3.26
CA ARG A 212 -14.27 -11.06 4.12
C ARG A 212 -15.53 -10.54 4.81
N TYR A 213 -15.37 -10.17 6.08
CA TYR A 213 -16.49 -9.65 6.83
C TYR A 213 -15.96 -8.53 7.69
N ALA A 214 -16.50 -7.33 7.48
CA ALA A 214 -16.05 -6.18 8.24
C ALA A 214 -17.21 -5.28 8.65
N ILE A 215 -17.03 -4.64 9.80
CA ILE A 215 -18.01 -3.71 10.34
C ILE A 215 -17.17 -2.57 10.94
N ALA A 216 -17.61 -1.35 10.73
CA ALA A 216 -16.86 -0.20 11.22
C ALA A 216 -17.69 0.81 12.01
N PRO A 217 -17.77 0.63 13.34
CA PRO A 217 -18.54 1.55 14.18
C PRO A 217 -17.75 2.82 14.53
N ALA A 218 -18.35 3.98 14.27
CA ALA A 218 -17.71 5.25 14.57
C ALA A 218 -18.74 6.15 15.25
N PHE A 219 -18.29 6.89 16.26
CA PHE A 219 -19.16 7.78 17.00
C PHE A 219 -18.44 9.10 17.19
N THR A 220 -19.13 10.22 16.95
CA THR A 220 -18.52 11.53 17.11
C THR A 220 -19.23 12.36 18.18
N TRP A 221 -18.44 12.88 19.11
CA TRP A 221 -19.00 13.72 20.16
C TRP A 221 -18.42 15.11 20.02
N ARG A 222 -19.32 16.09 19.87
CA ARG A 222 -18.93 17.47 19.70
C ARG A 222 -19.58 18.34 20.78
N PRO A 223 -18.89 18.50 21.93
CA PRO A 223 -19.34 19.29 23.07
C PRO A 223 -19.73 20.72 22.70
N ASP A 224 -18.83 21.40 21.98
CA ASP A 224 -19.03 22.77 21.55
C ASP A 224 -18.45 22.90 20.15
N ASP A 225 -18.38 24.12 19.63
CA ASP A 225 -17.83 24.30 18.28
C ASP A 225 -16.31 24.24 18.23
N LYS A 226 -15.66 24.10 19.37
CA LYS A 226 -14.20 24.04 19.39
C LYS A 226 -13.66 22.67 19.82
N THR A 227 -14.56 21.74 20.12
CA THR A 227 -14.14 20.43 20.55
C THR A 227 -14.77 19.31 19.75
N ASN A 228 -13.94 18.36 19.35
CA ASN A 228 -14.38 17.23 18.55
C ASN A 228 -13.71 15.95 19.02
N PHE A 229 -14.52 15.02 19.53
CA PHE A 229 -14.01 13.73 19.99
C PHE A 229 -14.65 12.68 19.09
N THR A 230 -13.85 11.95 18.32
CA THR A 230 -14.37 10.92 17.44
C THR A 230 -13.80 9.53 17.69
N PHE A 231 -14.68 8.61 18.07
CA PHE A 231 -14.33 7.23 18.36
C PHE A 231 -14.31 6.45 17.03
N LEU A 232 -13.22 5.74 16.78
CA LEU A 232 -13.05 4.98 15.55
C LEU A 232 -12.69 3.51 15.78
N SER A 233 -13.59 2.61 15.45
CA SER A 233 -13.34 1.18 15.62
C SER A 233 -13.53 0.44 14.30
N TYR A 234 -12.84 -0.68 14.14
CA TYR A 234 -12.92 -1.45 12.91
C TYR A 234 -12.66 -2.92 13.24
N PHE A 235 -13.54 -3.81 12.77
CA PHE A 235 -13.39 -5.23 13.02
C PHE A 235 -13.48 -5.99 11.71
N GLN A 236 -12.53 -6.87 11.45
CA GLN A 236 -12.53 -7.61 10.20
C GLN A 236 -12.15 -9.06 10.36
N ASN A 237 -12.95 -9.94 9.74
CA ASN A 237 -12.68 -11.37 9.79
C ASN A 237 -12.62 -11.99 8.40
N GLU A 238 -11.47 -12.56 8.06
CA GLU A 238 -11.30 -13.17 6.76
C GLU A 238 -10.94 -14.65 6.86
N PRO A 239 -11.94 -15.52 6.70
CA PRO A 239 -11.75 -16.98 6.77
C PRO A 239 -10.70 -17.46 5.77
N GLU A 240 -10.72 -16.86 4.58
CA GLU A 240 -9.78 -17.20 3.52
C GLU A 240 -9.34 -15.92 2.83
N THR A 241 -8.04 -15.69 2.77
CA THR A 241 -7.49 -14.48 2.15
C THR A 241 -7.16 -14.64 0.68
N GLY A 242 -7.24 -15.86 0.16
CA GLY A 242 -6.95 -16.10 -1.24
C GLY A 242 -5.58 -16.70 -1.57
N TYR A 243 -5.18 -16.56 -2.82
CA TYR A 243 -3.90 -17.08 -3.30
C TYR A 243 -2.72 -16.16 -2.95
N TYR A 244 -1.55 -16.75 -2.75
CA TYR A 244 -0.35 -15.98 -2.41
C TYR A 244 0.88 -16.85 -2.68
N GLY A 245 0.85 -17.55 -3.81
CA GLY A 245 1.96 -18.43 -4.14
C GLY A 245 3.03 -17.90 -5.06
N TRP A 246 3.96 -18.77 -5.42
CA TRP A 246 5.04 -18.43 -6.33
C TRP A 246 5.00 -19.35 -7.53
N LEU A 247 5.18 -18.78 -8.72
CA LEU A 247 5.21 -19.51 -9.98
C LEU A 247 6.56 -19.19 -10.64
N PRO A 248 7.19 -20.17 -11.30
CA PRO A 248 8.49 -19.94 -11.95
C PRO A 248 8.32 -19.23 -13.28
N LYS A 249 9.39 -18.57 -13.76
CA LYS A 249 9.32 -17.86 -15.03
C LYS A 249 9.13 -18.81 -16.20
N GLU A 250 9.58 -20.05 -16.05
CA GLU A 250 9.44 -21.04 -17.10
C GLU A 250 7.98 -21.54 -17.05
N GLY A 251 7.14 -20.96 -17.89
CA GLY A 251 5.74 -21.34 -17.91
C GLY A 251 4.91 -20.08 -17.77
N THR A 252 5.61 -18.97 -17.57
CA THR A 252 4.99 -17.66 -17.44
C THR A 252 5.68 -16.69 -18.40
N VAL A 253 6.80 -16.12 -17.98
CA VAL A 253 7.49 -15.19 -18.87
C VAL A 253 8.02 -15.95 -20.09
N GLU A 254 8.64 -17.10 -19.82
CA GLU A 254 9.22 -17.96 -20.86
C GLU A 254 8.35 -19.20 -21.07
N PRO A 255 8.31 -19.71 -22.32
CA PRO A 255 7.50 -20.89 -22.58
C PRO A 255 8.19 -22.12 -21.98
N LEU A 256 7.41 -23.13 -21.62
CA LEU A 256 8.00 -24.35 -21.07
C LEU A 256 8.72 -25.07 -22.20
N PRO A 257 9.61 -26.02 -21.86
CA PRO A 257 10.34 -26.76 -22.90
C PRO A 257 9.48 -27.41 -23.97
N ASN A 258 8.17 -27.46 -23.75
CA ASN A 258 7.29 -28.05 -24.75
C ASN A 258 6.56 -26.93 -25.49
N GLY A 259 7.07 -25.72 -25.31
CA GLY A 259 6.51 -24.54 -25.96
C GLY A 259 5.23 -23.97 -25.35
N LYS A 260 4.65 -24.66 -24.38
CA LYS A 260 3.41 -24.18 -23.78
C LYS A 260 3.67 -23.38 -22.50
N ARG A 261 2.69 -22.57 -22.11
CA ARG A 261 2.78 -21.77 -20.89
C ARG A 261 1.71 -22.15 -19.88
N LEU A 262 2.04 -22.08 -18.60
CA LEU A 262 1.09 -22.40 -17.56
C LEU A 262 -0.14 -21.52 -17.74
N PRO A 263 -1.34 -22.04 -17.42
CA PRO A 263 -2.53 -21.21 -17.58
C PRO A 263 -2.54 -20.08 -16.56
N THR A 264 -3.30 -19.04 -16.86
CA THR A 264 -3.42 -17.89 -16.01
C THR A 264 -3.92 -18.22 -14.60
N ASP A 265 -4.81 -19.21 -14.51
CA ASP A 265 -5.38 -19.62 -13.23
C ASP A 265 -4.66 -20.77 -12.58
N PHE A 266 -3.48 -21.12 -13.09
CA PHE A 266 -2.73 -22.22 -12.51
C PHE A 266 -2.47 -22.04 -11.02
N ASN A 267 -2.55 -23.13 -10.26
CA ASN A 267 -2.32 -23.08 -8.81
C ASN A 267 -1.34 -24.20 -8.43
N GLU A 268 -0.23 -23.84 -7.81
CA GLU A 268 0.77 -24.85 -7.43
C GLU A 268 0.69 -25.31 -5.97
N GLY A 269 -0.27 -24.78 -5.22
CA GLY A 269 -0.39 -25.16 -3.82
C GLY A 269 -1.28 -26.37 -3.54
N ALA A 270 -1.19 -26.89 -2.33
CA ALA A 270 -2.00 -28.04 -1.93
C ALA A 270 -3.49 -27.71 -1.97
N LYS A 271 -4.30 -28.74 -2.20
CA LYS A 271 -5.75 -28.60 -2.28
C LYS A 271 -6.34 -28.10 -0.96
N ASN A 272 -5.61 -28.31 0.13
CA ASN A 272 -6.07 -27.91 1.44
C ASN A 272 -5.32 -26.71 2.02
N ASN A 273 -4.82 -25.85 1.13
CA ASN A 273 -4.12 -24.62 1.52
C ASN A 273 -5.15 -23.73 2.21
N THR A 274 -4.73 -23.03 3.25
CA THR A 274 -5.63 -22.16 4.00
C THR A 274 -4.84 -20.94 4.46
N TYR A 275 -5.47 -19.77 4.41
CA TYR A 275 -4.83 -18.51 4.79
C TYR A 275 -5.93 -17.59 5.31
N SER A 276 -5.86 -17.22 6.58
CA SER A 276 -6.87 -16.36 7.20
C SER A 276 -6.28 -15.20 7.99
N ARG A 277 -7.10 -14.18 8.21
CA ARG A 277 -6.68 -13.00 8.94
C ARG A 277 -7.85 -12.43 9.75
N ASN A 278 -7.55 -11.97 10.96
CA ASN A 278 -8.56 -11.37 11.83
C ASN A 278 -8.00 -10.07 12.42
N GLU A 279 -8.78 -8.99 12.35
CA GLU A 279 -8.34 -7.68 12.83
C GLU A 279 -9.32 -6.95 13.74
N LYS A 280 -8.83 -6.45 14.87
CA LYS A 280 -9.65 -5.68 15.82
C LYS A 280 -8.95 -4.35 16.14
N MET A 281 -9.66 -3.23 15.99
CA MET A 281 -9.09 -1.90 16.26
C MET A 281 -10.00 -0.97 17.04
N VAL A 282 -9.44 -0.29 18.03
CA VAL A 282 -10.20 0.65 18.86
C VAL A 282 -9.30 1.85 19.10
N GLY A 283 -9.85 3.05 18.88
CA GLY A 283 -9.07 4.26 19.07
C GLY A 283 -9.90 5.54 18.87
N TYR A 284 -9.24 6.69 18.87
CA TYR A 284 -9.96 7.96 18.68
C TYR A 284 -9.11 9.10 18.12
N SER A 285 -9.80 10.16 17.71
CA SER A 285 -9.17 11.35 17.18
C SER A 285 -9.82 12.48 17.94
N PHE A 286 -9.00 13.36 18.51
CA PHE A 286 -9.49 14.48 19.31
C PHE A 286 -8.90 15.81 18.92
N ASP A 287 -9.76 16.82 18.82
CA ASP A 287 -9.36 18.18 18.44
C ASP A 287 -9.93 19.19 19.40
N HIS A 288 -9.14 20.19 19.77
CA HIS A 288 -9.62 21.26 20.64
C HIS A 288 -8.89 22.55 20.30
N GLU A 289 -9.66 23.60 20.05
CA GLU A 289 -9.11 24.89 19.71
C GLU A 289 -9.35 25.84 20.87
N PHE A 290 -8.28 26.24 21.55
CA PHE A 290 -8.40 27.16 22.69
C PHE A 290 -8.73 28.58 22.22
N ASN A 291 -7.87 29.10 21.35
CA ASN A 291 -8.06 30.43 20.80
C ASN A 291 -7.76 30.32 19.32
N ASP A 292 -7.47 31.46 18.70
CA ASP A 292 -7.12 31.50 17.29
C ASP A 292 -5.63 31.31 17.23
N THR A 293 -5.03 31.08 18.39
CA THR A 293 -3.59 30.88 18.45
C THR A 293 -3.21 29.46 18.83
N PHE A 294 -4.00 28.82 19.68
CA PHE A 294 -3.70 27.46 20.12
C PHE A 294 -4.75 26.40 19.82
N THR A 295 -4.26 25.23 19.39
CA THR A 295 -5.11 24.09 19.07
C THR A 295 -4.39 22.79 19.44
N VAL A 296 -5.07 21.95 20.24
CA VAL A 296 -4.49 20.68 20.66
C VAL A 296 -5.12 19.54 19.83
N ARG A 297 -4.32 18.51 19.57
CA ARG A 297 -4.78 17.40 18.74
C ARG A 297 -4.18 16.07 19.23
N GLN A 298 -5.00 15.04 19.39
CA GLN A 298 -4.50 13.75 19.84
C GLN A 298 -5.11 12.59 19.07
N ASN A 299 -4.30 11.57 18.78
CA ASN A 299 -4.75 10.40 18.03
C ASN A 299 -4.23 9.11 18.66
N LEU A 300 -5.12 8.17 18.95
CA LEU A 300 -4.66 6.91 19.51
C LEU A 300 -5.46 5.71 19.04
N ARG A 301 -4.76 4.59 18.89
CA ARG A 301 -5.39 3.36 18.45
C ARG A 301 -4.73 2.19 19.17
N PHE A 302 -5.52 1.16 19.39
CA PHE A 302 -5.04 -0.07 19.99
C PHE A 302 -5.52 -1.12 19.00
N ALA A 303 -4.64 -2.02 18.58
CA ALA A 303 -5.05 -3.03 17.62
C ALA A 303 -4.53 -4.42 17.92
N GLU A 304 -5.35 -5.42 17.61
CA GLU A 304 -5.03 -6.82 17.80
C GLU A 304 -5.19 -7.49 16.44
N ASN A 305 -4.12 -8.10 15.98
CA ASN A 305 -4.13 -8.75 14.69
C ASN A 305 -3.74 -10.23 14.79
N LYS A 306 -4.46 -11.08 14.07
CA LYS A 306 -4.16 -12.49 14.08
C LYS A 306 -4.19 -13.00 12.64
N THR A 307 -3.16 -13.76 12.26
CA THR A 307 -3.09 -14.33 10.93
C THR A 307 -2.60 -15.78 11.00
N SER A 308 -3.10 -16.63 10.11
CA SER A 308 -2.71 -18.03 10.06
C SER A 308 -2.76 -18.61 8.67
N GLN A 309 -1.95 -19.63 8.43
CA GLN A 309 -1.93 -20.24 7.13
C GLN A 309 -1.25 -21.60 7.11
N ASN A 310 -1.72 -22.44 6.21
CA ASN A 310 -1.18 -23.77 5.97
C ASN A 310 -0.94 -23.61 4.49
N SER A 311 0.31 -23.35 4.10
CA SER A 311 0.60 -23.13 2.70
C SER A 311 1.69 -23.99 2.08
N VAL A 312 1.45 -24.39 0.83
CA VAL A 312 2.40 -25.14 0.01
C VAL A 312 2.62 -24.17 -1.15
N TYR A 313 3.89 -23.83 -1.41
CA TYR A 313 4.18 -22.88 -2.45
C TYR A 313 5.29 -23.34 -3.39
N GLY A 314 5.26 -22.83 -4.62
CA GLY A 314 6.30 -23.21 -5.57
C GLY A 314 7.64 -22.60 -5.22
N TYR A 315 8.71 -23.21 -5.73
CA TYR A 315 10.06 -22.73 -5.49
C TYR A 315 10.92 -23.00 -6.71
N GLY A 316 10.45 -22.57 -7.88
CA GLY A 316 11.18 -22.77 -9.11
C GLY A 316 11.19 -24.19 -9.64
N VAL A 317 11.51 -24.35 -10.92
CA VAL A 317 11.57 -25.66 -11.54
C VAL A 317 12.79 -26.37 -11.02
N CYS A 318 12.90 -27.65 -11.34
CA CYS A 318 14.02 -28.47 -10.89
C CYS A 318 15.38 -28.10 -11.47
N SER A 319 15.38 -27.45 -12.63
CA SER A 319 16.62 -27.04 -13.27
C SER A 319 17.07 -25.67 -12.77
N ASP A 320 16.20 -24.97 -12.05
CA ASP A 320 16.57 -23.67 -11.51
C ASP A 320 17.70 -23.87 -10.52
N PRO A 321 18.79 -23.11 -10.65
CA PRO A 321 19.95 -23.23 -9.75
C PRO A 321 19.60 -23.13 -8.29
N ALA A 322 18.35 -22.78 -8.00
CA ALA A 322 17.92 -22.64 -6.61
C ALA A 322 17.61 -23.98 -5.96
N ASN A 323 17.44 -25.03 -6.76
CA ASN A 323 17.14 -26.34 -6.18
C ASN A 323 18.21 -27.37 -6.38
N ALA A 324 19.46 -26.91 -6.47
CA ALA A 324 20.61 -27.77 -6.67
C ALA A 324 20.79 -28.81 -5.56
N TYR A 325 20.15 -28.62 -4.41
CA TYR A 325 20.30 -29.55 -3.30
C TYR A 325 19.06 -30.39 -3.01
N SER A 326 18.16 -30.47 -3.99
CA SER A 326 16.95 -31.25 -3.81
C SER A 326 17.12 -32.69 -4.29
N LYS A 327 17.05 -33.62 -3.34
CA LYS A 327 17.18 -35.03 -3.68
C LYS A 327 16.15 -35.38 -4.74
N GLN A 328 14.91 -34.93 -4.55
CA GLN A 328 13.83 -35.20 -5.48
C GLN A 328 14.14 -34.75 -6.90
N CYS A 329 14.56 -33.50 -7.06
CA CYS A 329 14.91 -33.00 -8.38
C CYS A 329 16.00 -33.86 -8.96
N ALA A 330 17.05 -34.06 -8.17
CA ALA A 330 18.21 -34.85 -8.57
C ALA A 330 17.86 -36.23 -9.10
N ALA A 331 16.90 -36.90 -8.46
CA ALA A 331 16.49 -38.24 -8.89
C ALA A 331 15.61 -38.19 -10.13
N LEU A 332 15.84 -37.21 -10.99
CA LEU A 332 15.06 -37.03 -12.21
C LEU A 332 15.92 -36.99 -13.47
N ALA A 333 15.41 -37.57 -14.55
CA ALA A 333 16.13 -37.55 -15.82
C ALA A 333 16.32 -36.08 -16.17
N PRO A 334 17.57 -35.64 -16.35
CA PRO A 334 17.85 -34.24 -16.69
C PRO A 334 17.29 -33.78 -18.04
N ALA A 335 15.97 -33.79 -18.12
CA ALA A 335 15.23 -33.37 -19.32
C ALA A 335 13.85 -33.09 -18.78
N ASP A 336 13.50 -33.85 -17.75
CA ASP A 336 12.23 -33.71 -17.07
C ASP A 336 12.43 -32.57 -16.08
N LYS A 337 13.71 -32.34 -15.78
CA LYS A 337 14.14 -31.33 -14.84
C LYS A 337 13.63 -29.92 -15.15
N GLY A 338 13.27 -29.69 -16.40
CA GLY A 338 12.79 -28.37 -16.78
C GLY A 338 11.29 -28.18 -16.79
N HIS A 339 10.54 -29.20 -16.39
CA HIS A 339 9.09 -29.09 -16.36
C HIS A 339 8.52 -29.72 -15.10
N TYR A 340 9.37 -29.80 -14.07
CA TYR A 340 8.99 -30.32 -12.77
C TYR A 340 9.27 -29.20 -11.78
N LEU A 341 8.26 -28.81 -11.01
CA LEU A 341 8.43 -27.73 -10.06
C LEU A 341 8.61 -28.22 -8.63
N ALA A 342 9.64 -27.71 -7.96
CA ALA A 342 9.91 -28.07 -6.57
C ALA A 342 8.96 -27.27 -5.69
N ARG A 343 8.74 -27.74 -4.46
CA ARG A 343 7.83 -27.05 -3.57
C ARG A 343 8.19 -27.17 -2.10
N LYS A 344 7.73 -26.19 -1.32
CA LYS A 344 7.95 -26.19 0.12
C LYS A 344 6.62 -25.80 0.75
N TYR A 345 6.62 -25.67 2.07
CA TYR A 345 5.40 -25.29 2.75
C TYR A 345 5.76 -24.50 3.96
N VAL A 346 4.74 -23.90 4.57
CA VAL A 346 4.92 -23.11 5.76
C VAL A 346 3.63 -23.20 6.57
N VAL A 347 3.77 -23.31 7.88
CA VAL A 347 2.65 -23.37 8.79
C VAL A 347 2.90 -22.22 9.75
N ASP A 348 2.07 -21.19 9.66
CA ASP A 348 2.25 -20.01 10.49
C ASP A 348 1.02 -19.67 11.30
N ASP A 349 1.26 -18.99 12.41
CA ASP A 349 0.20 -18.58 13.30
C ASP A 349 0.77 -17.44 14.15
N GLU A 350 0.25 -16.23 13.94
CA GLU A 350 0.77 -15.07 14.66
C GLU A 350 -0.28 -14.25 15.40
N LYS A 351 0.18 -13.53 16.42
CA LYS A 351 -0.70 -12.70 17.22
C LYS A 351 0.03 -11.40 17.52
N LEU A 352 -0.49 -10.30 16.95
CA LEU A 352 0.10 -8.99 17.11
C LEU A 352 -0.76 -8.06 17.95
N GLN A 353 -0.10 -7.26 18.77
CA GLN A 353 -0.75 -6.31 19.65
C GLN A 353 -0.06 -4.96 19.35
N ASN A 354 -0.84 -3.91 19.14
CA ASN A 354 -0.20 -2.63 18.84
C ASN A 354 -0.85 -1.45 19.56
N PHE A 355 -0.02 -0.57 20.12
CA PHE A 355 -0.51 0.63 20.81
C PHE A 355 0.22 1.86 20.29
N SER A 356 -0.54 2.90 19.93
CA SER A 356 0.05 4.12 19.36
C SER A 356 -0.71 5.37 19.79
N VAL A 357 0.04 6.41 20.14
CA VAL A 357 -0.52 7.70 20.54
C VAL A 357 0.35 8.81 19.97
N ASP A 358 -0.28 9.83 19.40
CA ASP A 358 0.44 10.97 18.85
C ASP A 358 -0.29 12.22 19.36
N THR A 359 0.44 13.07 20.08
CA THR A 359 -0.16 14.28 20.63
C THR A 359 0.56 15.49 20.07
N GLN A 360 -0.20 16.46 19.56
CA GLN A 360 0.40 17.64 18.96
C GLN A 360 -0.16 18.95 19.50
N LEU A 361 0.69 19.96 19.55
CA LEU A 361 0.31 21.29 20.00
C LEU A 361 0.57 22.14 18.77
N GLN A 362 -0.45 22.85 18.32
CA GLN A 362 -0.30 23.70 17.14
C GLN A 362 -0.40 25.16 17.54
N SER A 363 0.63 25.92 17.21
CA SER A 363 0.63 27.34 17.55
C SER A 363 0.74 28.25 16.34
N LYS A 364 -0.19 29.20 16.26
CA LYS A 364 -0.20 30.16 15.17
C LYS A 364 0.10 31.54 15.73
N PHE A 365 1.10 32.21 15.18
CA PHE A 365 1.42 33.55 15.64
C PHE A 365 2.17 34.33 14.58
N ALA A 366 2.41 35.61 14.86
CA ALA A 366 3.13 36.44 13.89
C ALA A 366 4.39 37.05 14.48
N THR A 367 5.23 37.56 13.58
CA THR A 367 6.47 38.21 13.93
C THR A 367 6.71 39.20 12.79
N GLY A 368 6.09 40.37 12.91
CA GLY A 368 6.24 41.38 11.88
C GLY A 368 5.35 41.03 10.71
N ASP A 369 5.97 40.75 9.56
CA ASP A 369 5.24 40.40 8.35
C ASP A 369 5.29 38.89 8.14
N ILE A 370 5.79 38.18 9.14
CA ILE A 370 5.91 36.72 9.07
C ILE A 370 4.87 36.00 9.87
N ASP A 371 4.05 35.19 9.20
CA ASP A 371 3.02 34.41 9.87
C ASP A 371 3.57 33.01 10.14
N HIS A 372 3.41 32.56 11.38
CA HIS A 372 3.90 31.25 11.79
C HIS A 372 2.79 30.25 12.11
N THR A 373 3.14 28.98 11.90
CA THR A 373 2.27 27.85 12.17
C THR A 373 3.26 26.84 12.72
N LEU A 374 3.46 26.88 14.03
CA LEU A 374 4.40 26.01 14.70
C LEU A 374 3.72 24.72 15.19
N LEU A 375 4.36 23.59 14.92
CA LEU A 375 3.83 22.30 15.34
C LEU A 375 4.90 21.55 16.14
N THR A 376 4.51 21.09 17.31
CA THR A 376 5.39 20.33 18.19
C THR A 376 4.58 19.16 18.74
N GLY A 377 5.17 17.97 18.70
CA GLY A 377 4.45 16.82 19.21
C GLY A 377 5.31 15.69 19.71
N VAL A 378 4.67 14.80 20.46
CA VAL A 378 5.32 13.61 21.00
C VAL A 378 4.58 12.47 20.32
N ASP A 379 5.33 11.50 19.81
CA ASP A 379 4.76 10.38 19.08
C ASP A 379 5.41 9.07 19.49
N PHE A 380 4.64 8.16 20.07
CA PHE A 380 5.20 6.86 20.46
C PHE A 380 4.32 5.68 20.09
N MET A 381 4.96 4.52 19.91
CA MET A 381 4.26 3.29 19.54
C MET A 381 4.91 2.05 20.14
N ARG A 382 4.08 1.08 20.51
CA ARG A 382 4.57 -0.15 21.08
C ARG A 382 3.84 -1.35 20.46
N MET A 383 4.60 -2.27 19.89
CA MET A 383 4.02 -3.47 19.29
C MET A 383 4.75 -4.73 19.69
N ARG A 384 4.03 -5.84 19.69
CA ARG A 384 4.61 -7.12 20.05
C ARG A 384 3.93 -8.20 19.20
N ASN A 385 4.72 -8.94 18.45
CA ASN A 385 4.17 -9.99 17.61
C ASN A 385 4.65 -11.33 18.13
N ASP A 386 3.73 -12.28 18.24
CA ASP A 386 4.06 -13.61 18.71
C ASP A 386 3.93 -14.61 17.57
N ILE A 387 5.07 -15.02 17.02
CA ILE A 387 5.11 -15.96 15.90
C ILE A 387 5.36 -17.39 16.38
N ASN A 388 4.59 -18.33 15.83
CA ASN A 388 4.72 -19.74 16.13
C ASN A 388 4.56 -20.41 14.77
N ALA A 389 5.66 -20.55 14.05
CA ALA A 389 5.62 -21.13 12.71
C ALA A 389 6.41 -22.40 12.61
N TRP A 390 6.42 -22.94 11.40
CA TRP A 390 7.09 -24.18 11.07
C TRP A 390 7.31 -24.16 9.57
N PHE A 391 8.57 -24.18 9.14
CA PHE A 391 8.88 -24.15 7.71
C PHE A 391 9.45 -25.46 7.17
N GLY A 392 9.08 -25.80 5.95
CA GLY A 392 9.58 -27.00 5.33
C GLY A 392 10.73 -26.59 4.42
N TYR A 393 11.84 -27.32 4.48
CA TYR A 393 12.98 -26.99 3.64
C TYR A 393 12.94 -27.81 2.35
N ASP A 394 14.09 -28.01 1.72
CA ASP A 394 14.14 -28.79 0.48
C ASP A 394 13.49 -30.16 0.64
N ASP A 395 12.87 -30.63 -0.44
CA ASP A 395 12.22 -31.93 -0.46
C ASP A 395 11.23 -32.20 0.66
N SER A 396 10.49 -31.17 1.08
CA SER A 396 9.51 -31.34 2.14
C SER A 396 8.12 -31.61 1.59
N VAL A 397 7.99 -31.57 0.27
CA VAL A 397 6.72 -31.83 -0.39
C VAL A 397 6.95 -32.36 -1.81
N PRO A 398 6.16 -33.37 -2.21
CA PRO A 398 6.28 -33.98 -3.54
C PRO A 398 6.27 -33.01 -4.70
N LEU A 399 7.19 -33.23 -5.65
CA LEU A 399 7.28 -32.38 -6.82
C LEU A 399 5.92 -32.28 -7.50
N LEU A 400 5.80 -31.28 -8.38
CA LEU A 400 4.57 -31.06 -9.12
C LEU A 400 4.95 -31.11 -10.60
N ASN A 401 4.33 -32.03 -11.32
CA ASN A 401 4.60 -32.18 -12.73
C ASN A 401 3.85 -31.10 -13.52
N LEU A 402 4.56 -30.06 -13.96
CA LEU A 402 3.93 -29.00 -14.71
C LEU A 402 3.19 -29.50 -15.96
N TYR A 403 3.69 -30.55 -16.60
CA TYR A 403 3.04 -31.08 -17.80
C TYR A 403 1.71 -31.75 -17.48
N ASN A 404 1.62 -32.34 -16.30
CA ASN A 404 0.39 -33.00 -15.88
C ASN A 404 0.24 -32.86 -14.37
N PRO A 405 -0.16 -31.66 -13.91
CA PRO A 405 -0.35 -31.36 -12.49
C PRO A 405 -1.49 -32.11 -11.83
N VAL A 406 -1.30 -32.46 -10.57
CA VAL A 406 -2.31 -33.18 -9.80
C VAL A 406 -2.44 -32.55 -8.43
N ASN A 407 -3.50 -31.79 -8.22
CA ASN A 407 -3.73 -31.11 -6.95
C ASN A 407 -4.32 -32.06 -5.90
N THR A 408 -3.59 -32.25 -4.81
CA THR A 408 -4.04 -33.12 -3.74
C THR A 408 -3.83 -32.47 -2.37
N ASP A 409 -4.30 -33.13 -1.32
CA ASP A 409 -4.15 -32.62 0.03
C ASP A 409 -2.73 -32.86 0.53
N PHE A 410 -2.29 -32.04 1.47
CA PHE A 410 -0.95 -32.16 2.03
C PHE A 410 -1.08 -32.31 3.53
N ASP A 411 -0.27 -33.18 4.13
CA ASP A 411 -0.32 -33.37 5.57
C ASP A 411 0.50 -32.29 6.24
N PHE A 412 -0.13 -31.20 6.65
CA PHE A 412 0.58 -30.13 7.30
C PHE A 412 1.02 -30.49 8.72
N ASN A 413 0.44 -31.55 9.28
CA ASN A 413 0.79 -31.97 10.64
C ASN A 413 1.98 -32.91 10.71
N ALA A 414 2.00 -33.91 9.83
CA ALA A 414 3.12 -34.84 9.83
C ALA A 414 4.33 -33.98 9.51
N LYS A 415 5.08 -33.59 10.55
CA LYS A 415 6.24 -32.73 10.34
C LYS A 415 7.55 -33.30 10.87
N ASP A 416 8.26 -34.07 10.05
CA ASP A 416 9.52 -34.65 10.53
C ASP A 416 10.74 -33.76 10.38
N PRO A 417 11.58 -33.72 11.43
CA PRO A 417 12.81 -32.94 11.51
C PRO A 417 13.75 -33.21 10.36
N ALA A 418 13.40 -34.18 9.54
CA ALA A 418 14.23 -34.54 8.39
C ALA A 418 14.20 -33.46 7.31
N ASN A 419 13.04 -32.84 7.11
CA ASN A 419 12.89 -31.81 6.09
C ASN A 419 12.21 -30.54 6.59
N SER A 420 11.97 -30.46 7.89
CA SER A 420 11.32 -29.30 8.48
C SER A 420 11.71 -29.01 9.93
N GLY A 421 11.75 -27.72 10.26
CA GLY A 421 12.09 -27.30 11.61
C GLY A 421 11.17 -26.19 12.06
N PRO A 422 11.14 -25.85 13.36
CA PRO A 422 10.27 -24.78 13.86
C PRO A 422 10.91 -23.40 13.78
N TYR A 423 10.07 -22.38 13.88
CA TYR A 423 10.50 -20.99 13.85
C TYR A 423 9.57 -20.32 14.85
N ARG A 424 10.03 -20.13 16.08
CA ARG A 424 9.20 -19.51 17.11
C ARG A 424 9.86 -18.27 17.68
N ILE A 425 9.35 -17.13 17.26
CA ILE A 425 9.90 -15.84 17.69
C ILE A 425 8.86 -14.93 18.32
N LEU A 426 9.33 -14.05 19.20
CA LEU A 426 8.46 -13.07 19.82
C LEU A 426 9.18 -11.77 19.56
N ASN A 427 8.61 -10.95 18.67
CA ASN A 427 9.20 -9.66 18.33
C ASN A 427 8.57 -8.50 19.05
N LYS A 428 9.43 -7.63 19.58
CA LYS A 428 9.00 -6.44 20.29
C LYS A 428 9.66 -5.24 19.65
N GLN A 429 8.85 -4.25 19.27
CA GLN A 429 9.36 -3.02 18.68
C GLN A 429 8.89 -1.86 19.53
N LYS A 430 9.61 -0.75 19.47
CA LYS A 430 9.24 0.40 20.26
C LYS A 430 9.82 1.64 19.64
N GLN A 431 9.05 2.72 19.62
CA GLN A 431 9.53 3.98 19.08
C GLN A 431 8.85 5.14 19.77
N THR A 432 9.66 6.07 20.23
CA THR A 432 9.18 7.27 20.90
C THR A 432 9.88 8.40 20.16
N GLY A 433 9.14 9.42 19.78
CA GLY A 433 9.77 10.51 19.06
C GLY A 433 9.20 11.87 19.42
N VAL A 434 10.05 12.88 19.32
CA VAL A 434 9.64 14.24 19.61
C VAL A 434 9.94 15.01 18.33
N TYR A 435 9.02 15.86 17.90
CA TYR A 435 9.23 16.59 16.67
C TYR A 435 8.69 18.00 16.71
N VAL A 436 9.34 18.87 15.95
CA VAL A 436 8.96 20.28 15.86
C VAL A 436 9.00 20.67 14.39
N GLN A 437 8.07 21.52 13.98
CA GLN A 437 8.01 21.99 12.60
C GLN A 437 7.35 23.37 12.51
N ASP A 438 7.92 24.22 11.67
CA ASP A 438 7.37 25.55 11.48
C ASP A 438 7.10 25.79 10.01
N GLN A 439 6.00 26.48 9.74
CA GLN A 439 5.60 26.82 8.39
C GLN A 439 5.53 28.35 8.35
N ALA A 440 6.71 28.97 8.19
CA ALA A 440 6.83 30.43 8.14
C ALA A 440 6.55 31.02 6.77
N GLN A 441 5.65 32.01 6.72
CA GLN A 441 5.28 32.64 5.45
C GLN A 441 5.40 34.16 5.39
N TRP A 442 6.16 34.63 4.40
CA TRP A 442 6.36 36.05 4.16
C TRP A 442 5.84 36.39 2.75
N ASP A 443 4.76 37.16 2.70
CA ASP A 443 4.14 37.55 1.44
C ASP A 443 3.77 36.30 0.63
N LYS A 444 4.52 36.02 -0.43
CA LYS A 444 4.25 34.86 -1.28
C LYS A 444 5.30 33.76 -1.19
N VAL A 445 6.19 33.86 -0.21
CA VAL A 445 7.22 32.86 -0.02
C VAL A 445 6.84 31.99 1.16
N LEU A 446 7.04 30.68 1.04
CA LEU A 446 6.71 29.77 2.12
C LEU A 446 7.88 28.88 2.43
N VAL A 447 8.27 28.86 3.69
CA VAL A 447 9.40 28.05 4.11
C VAL A 447 9.00 27.02 5.15
N THR A 448 9.21 25.76 4.79
CA THR A 448 8.89 24.66 5.68
C THR A 448 10.17 24.14 6.28
N LEU A 449 10.27 24.19 7.60
CA LEU A 449 11.45 23.71 8.30
C LEU A 449 11.03 22.88 9.52
N GLY A 450 11.60 21.69 9.65
CA GLY A 450 11.25 20.83 10.77
C GLY A 450 12.25 19.73 11.04
N GLY A 451 12.25 19.23 12.27
CA GLY A 451 13.15 18.16 12.63
C GLY A 451 12.51 17.23 13.66
N ARG A 452 13.05 16.02 13.76
CA ARG A 452 12.53 15.03 14.69
C ARG A 452 13.63 14.11 15.21
N TYR A 453 13.49 13.71 16.47
CA TYR A 453 14.44 12.82 17.11
C TYR A 453 13.71 11.56 17.57
N ASP A 454 14.24 10.40 17.18
CA ASP A 454 13.63 9.12 17.52
C ASP A 454 14.45 8.15 18.33
N TRP A 455 13.81 7.51 19.31
CA TRP A 455 14.44 6.49 20.13
C TRP A 455 13.75 5.18 19.72
N ALA A 456 14.45 4.40 18.90
CA ALA A 456 13.90 3.15 18.40
C ALA A 456 14.53 1.90 18.96
N ASP A 457 13.83 1.24 19.87
CA ASP A 457 14.34 0.01 20.45
C ASP A 457 13.60 -1.19 19.90
N GLN A 458 14.31 -2.31 19.76
CA GLN A 458 13.70 -3.53 19.26
C GLN A 458 14.40 -4.70 19.92
N GLU A 459 13.66 -5.80 20.07
CA GLU A 459 14.25 -6.99 20.65
C GLU A 459 13.50 -8.22 20.17
N SER A 460 14.25 -9.27 19.85
CA SER A 460 13.69 -10.51 19.37
C SER A 460 14.13 -11.68 20.24
N LEU A 461 13.16 -12.45 20.72
CA LEU A 461 13.44 -13.58 21.56
C LEU A 461 13.14 -14.88 20.82
N ASN A 462 14.19 -15.63 20.50
CA ASN A 462 14.04 -16.91 19.82
C ASN A 462 13.76 -17.93 20.90
N ARG A 463 12.56 -18.49 20.90
CA ARG A 463 12.17 -19.45 21.92
C ARG A 463 12.80 -20.83 21.79
N VAL A 464 13.07 -21.26 20.56
CA VAL A 464 13.67 -22.56 20.36
C VAL A 464 15.10 -22.56 20.88
N ALA A 465 15.90 -21.61 20.44
CA ALA A 465 17.30 -21.52 20.86
C ALA A 465 17.50 -20.83 22.20
N GLY A 466 16.46 -20.17 22.71
CA GLY A 466 16.58 -19.48 23.99
C GLY A 466 17.36 -18.17 23.94
N THR A 467 17.85 -17.81 22.76
CA THR A 467 18.62 -16.59 22.57
C THR A 467 17.73 -15.35 22.56
N THR A 468 18.35 -14.16 22.66
CA THR A 468 17.62 -12.90 22.65
C THR A 468 18.42 -11.75 22.05
N ASP A 469 17.98 -11.26 20.89
CA ASP A 469 18.66 -10.16 20.22
C ASP A 469 17.92 -8.84 20.43
N LYS A 470 18.66 -7.77 20.71
CA LYS A 470 18.05 -6.46 20.90
C LYS A 470 18.98 -5.35 20.43
N ARG A 471 18.39 -4.20 20.09
CA ARG A 471 19.15 -3.05 19.64
C ARG A 471 18.38 -1.76 19.88
N ASP A 472 19.09 -0.74 20.35
CA ASP A 472 18.47 0.55 20.62
C ASP A 472 19.08 1.64 19.78
N ASP A 473 18.34 2.09 18.77
CA ASP A 473 18.82 3.13 17.89
C ASP A 473 18.36 4.53 18.30
N LYS A 474 19.14 5.53 17.88
CA LYS A 474 18.85 6.93 18.14
C LYS A 474 19.15 7.62 16.81
N GLN A 475 18.13 8.21 16.21
CA GLN A 475 18.32 8.87 14.93
C GLN A 475 17.63 10.20 14.88
N PHE A 476 18.26 11.13 14.17
CA PHE A 476 17.73 12.47 14.00
C PHE A 476 17.52 12.68 12.51
N THR A 477 16.40 13.28 12.15
CA THR A 477 16.11 13.54 10.74
C THR A 477 15.45 14.90 10.63
N TRP A 478 15.56 15.52 9.46
CA TRP A 478 14.95 16.82 9.26
C TRP A 478 14.58 17.03 7.80
N ARG A 479 13.76 18.04 7.56
CA ARG A 479 13.30 18.38 6.24
C ARG A 479 13.18 19.89 6.11
N GLY A 480 13.53 20.40 4.94
CA GLY A 480 13.44 21.83 4.69
C GLY A 480 13.01 22.04 3.26
N GLY A 481 12.25 23.10 3.00
CA GLY A 481 11.82 23.34 1.63
C GLY A 481 11.21 24.71 1.42
N VAL A 482 11.20 25.14 0.16
CA VAL A 482 10.63 26.44 -0.19
C VAL A 482 9.55 26.33 -1.26
N ASN A 483 8.50 27.12 -1.08
CA ASN A 483 7.38 27.17 -2.02
C ASN A 483 7.16 28.63 -2.41
N TYR A 484 7.02 28.91 -3.70
CA TYR A 484 6.77 30.28 -4.14
C TYR A 484 5.38 30.36 -4.80
N LEU A 485 4.49 31.11 -4.17
CA LEU A 485 3.12 31.22 -4.63
C LEU A 485 2.77 32.33 -5.62
N PHE A 486 3.03 32.09 -6.90
CA PHE A 486 2.69 33.08 -7.92
C PHE A 486 1.17 33.26 -7.85
N ASP A 487 0.66 34.41 -8.24
CA ASP A 487 -0.77 34.68 -8.18
C ASP A 487 -1.62 34.02 -9.26
N ASN A 488 -0.99 33.29 -10.17
CA ASN A 488 -1.73 32.65 -11.25
C ASN A 488 -1.98 31.17 -10.98
N GLY A 489 -1.32 30.65 -9.94
CA GLY A 489 -1.47 29.25 -9.60
C GLY A 489 -0.16 28.51 -9.66
N VAL A 490 0.75 28.97 -10.51
CA VAL A 490 2.05 28.33 -10.64
C VAL A 490 2.80 28.43 -9.32
N THR A 491 3.09 27.28 -8.73
CA THR A 491 3.79 27.27 -7.45
C THR A 491 5.06 26.45 -7.49
N PRO A 492 6.17 27.05 -7.93
CA PRO A 492 7.43 26.29 -7.98
C PRO A 492 7.85 25.96 -6.55
N TYR A 493 8.76 25.00 -6.40
CA TYR A 493 9.20 24.61 -5.07
C TYR A 493 10.37 23.66 -5.12
N PHE A 494 11.02 23.48 -3.98
CA PHE A 494 12.14 22.57 -3.87
C PHE A 494 12.25 22.19 -2.39
N SER A 495 12.95 21.10 -2.09
CA SER A 495 13.10 20.65 -0.72
C SER A 495 14.11 19.53 -0.56
N TYR A 496 14.45 19.24 0.68
CA TYR A 496 15.39 18.18 1.05
C TYR A 496 14.87 17.52 2.32
N SER A 497 14.70 16.20 2.31
CA SER A 497 14.22 15.47 3.50
C SER A 497 14.94 14.16 3.70
N GLU A 498 15.01 13.72 4.95
CA GLU A 498 15.70 12.48 5.32
C GLU A 498 14.77 11.43 5.93
N SER A 499 15.22 10.18 5.91
CA SER A 499 14.46 9.08 6.48
C SER A 499 15.44 8.03 7.00
N PHE A 500 14.96 7.17 7.90
CA PHE A 500 15.80 6.12 8.43
C PHE A 500 14.95 4.89 8.69
N GLU A 501 15.55 3.73 8.53
CA GLU A 501 14.84 2.48 8.74
C GLU A 501 15.77 1.51 9.43
N PRO A 502 15.57 1.28 10.73
CA PRO A 502 16.44 0.36 11.46
C PRO A 502 16.38 -1.04 10.86
N SER A 503 17.45 -1.80 11.03
CA SER A 503 17.51 -3.16 10.48
C SER A 503 16.99 -4.17 11.49
N SER A 504 16.70 -5.37 11.01
CA SER A 504 16.20 -6.43 11.87
C SER A 504 17.04 -7.68 11.72
N GLN A 505 17.92 -7.68 10.71
CA GLN A 505 18.79 -8.82 10.46
C GLN A 505 20.07 -8.76 11.28
N VAL A 506 20.66 -9.92 11.54
CA VAL A 506 21.87 -10.02 12.33
C VAL A 506 23.15 -10.14 11.51
N GLY A 507 24.20 -9.51 12.00
CA GLY A 507 25.48 -9.53 11.33
C GLY A 507 26.37 -10.68 11.76
N LYS A 508 27.55 -10.74 11.14
CA LYS A 508 28.53 -11.77 11.42
C LYS A 508 28.92 -11.77 12.90
N ASP A 509 29.14 -10.57 13.43
CA ASP A 509 29.55 -10.40 14.82
C ASP A 509 28.44 -10.67 15.84
N GLY A 510 27.31 -11.18 15.37
CA GLY A 510 26.20 -11.48 16.27
C GLY A 510 25.44 -10.27 16.78
N ASN A 511 25.38 -9.23 15.97
CA ASN A 511 24.67 -8.01 16.35
C ASN A 511 23.71 -7.62 15.25
N ILE A 512 22.77 -6.74 15.59
CA ILE A 512 21.81 -6.28 14.61
C ILE A 512 22.45 -5.11 13.87
N PHE A 513 22.46 -5.16 12.55
CA PHE A 513 23.06 -4.09 11.74
C PHE A 513 22.58 -2.69 12.10
N ALA A 514 23.28 -1.70 11.59
CA ALA A 514 22.93 -0.32 11.85
C ALA A 514 21.80 0.10 10.92
N PRO A 515 21.00 1.09 11.34
CA PRO A 515 19.89 1.55 10.52
C PRO A 515 20.39 1.95 9.13
N SER A 516 19.49 2.05 8.17
CA SER A 516 19.84 2.45 6.82
C SER A 516 19.21 3.83 6.68
N LYS A 517 19.69 4.64 5.74
CA LYS A 517 19.12 5.99 5.61
C LYS A 517 18.66 6.39 4.22
N GLY A 518 17.78 7.38 4.18
CA GLY A 518 17.26 7.90 2.95
C GLY A 518 17.44 9.40 2.89
N LYS A 519 17.98 9.89 1.77
CA LYS A 519 18.22 11.31 1.58
C LYS A 519 17.67 11.71 0.22
N GLN A 520 16.76 12.69 0.22
CA GLN A 520 16.17 13.12 -1.04
C GLN A 520 16.22 14.62 -1.32
N TYR A 521 16.49 14.94 -2.59
CA TYR A 521 16.51 16.31 -3.07
C TYR A 521 15.42 16.28 -4.13
N GLU A 522 14.60 17.34 -4.19
CA GLU A 522 13.54 17.37 -5.18
C GLU A 522 13.12 18.78 -5.59
N VAL A 523 12.94 18.97 -6.90
CA VAL A 523 12.51 20.25 -7.44
C VAL A 523 11.28 19.98 -8.31
N GLY A 524 10.30 20.87 -8.24
CA GLY A 524 9.10 20.66 -9.04
C GLY A 524 8.18 21.87 -9.09
N VAL A 525 6.99 21.68 -9.64
CA VAL A 525 6.01 22.75 -9.77
C VAL A 525 4.58 22.21 -9.67
N LYS A 526 3.72 22.97 -9.02
CA LYS A 526 2.33 22.57 -8.87
C LYS A 526 1.43 23.70 -9.37
N TYR A 527 0.53 23.37 -10.29
CA TYR A 527 -0.37 24.37 -10.83
C TYR A 527 -1.75 24.16 -10.24
N VAL A 528 -2.13 25.06 -9.33
CA VAL A 528 -3.42 24.97 -8.68
C VAL A 528 -4.16 26.30 -8.72
N PRO A 529 -4.77 26.64 -9.87
CA PRO A 529 -5.51 27.89 -10.02
C PRO A 529 -6.77 27.94 -9.15
N GLU A 530 -7.01 29.10 -8.54
CA GLU A 530 -8.17 29.29 -7.68
C GLU A 530 -9.45 29.37 -8.51
N ASP A 531 -9.31 29.87 -9.73
CA ASP A 531 -10.44 30.03 -10.63
C ASP A 531 -10.76 28.84 -11.53
N ARG A 532 -9.73 28.13 -12.00
CA ARG A 532 -9.93 26.98 -12.86
C ARG A 532 -9.77 25.65 -12.12
N PRO A 533 -10.67 24.69 -12.35
CA PRO A 533 -10.65 23.38 -11.70
C PRO A 533 -9.65 22.38 -12.29
N ILE A 534 -8.37 22.63 -12.09
CA ILE A 534 -7.38 21.71 -12.62
C ILE A 534 -6.26 21.62 -11.61
N VAL A 535 -5.45 20.57 -11.74
CA VAL A 535 -4.31 20.35 -10.87
C VAL A 535 -3.33 19.62 -11.77
N VAL A 536 -2.12 20.16 -11.88
CA VAL A 536 -1.09 19.56 -12.72
C VAL A 536 0.19 19.56 -11.93
N THR A 537 0.96 18.50 -12.08
CA THR A 537 2.21 18.40 -11.34
C THR A 537 3.38 17.87 -12.15
N GLY A 538 4.55 18.32 -11.76
CA GLY A 538 5.78 17.90 -12.39
C GLY A 538 6.82 17.97 -11.30
N ALA A 539 7.73 17.00 -11.27
CA ALA A 539 8.76 17.01 -10.26
C ALA A 539 9.93 16.13 -10.66
N VAL A 540 11.11 16.53 -10.22
CA VAL A 540 12.36 15.82 -10.49
C VAL A 540 12.95 15.55 -9.11
N TYR A 541 13.59 14.39 -8.95
CA TYR A 541 14.15 14.04 -7.65
C TYR A 541 15.37 13.13 -7.70
N ASN A 542 16.13 13.13 -6.61
CA ASN A 542 17.28 12.26 -6.49
C ASN A 542 17.23 11.70 -5.08
N LEU A 543 16.60 10.54 -4.96
CA LEU A 543 16.46 9.86 -3.69
C LEU A 543 17.58 8.84 -3.66
N THR A 544 18.19 8.64 -2.50
CA THR A 544 19.25 7.67 -2.39
C THR A 544 19.23 7.04 -1.01
N LYS A 545 19.31 5.71 -0.98
CA LYS A 545 19.30 4.95 0.27
C LYS A 545 20.70 4.48 0.62
N THR A 546 21.20 4.92 1.77
CA THR A 546 22.53 4.54 2.20
C THR A 546 22.48 3.44 3.25
N ASN A 547 23.64 2.85 3.51
CA ASN A 547 23.79 1.76 4.46
C ASN A 547 22.85 0.59 4.19
N ASN A 548 22.73 0.24 2.91
CA ASN A 548 21.88 -0.87 2.49
C ASN A 548 22.67 -2.16 2.70
N LEU A 549 22.02 -3.24 3.10
CA LEU A 549 22.73 -4.50 3.31
C LEU A 549 23.09 -5.17 1.99
N MET A 550 24.35 -5.58 1.87
CA MET A 550 24.81 -6.25 0.66
C MET A 550 25.59 -7.51 1.01
N ALA A 551 25.89 -8.31 -0.02
CA ALA A 551 26.61 -9.56 0.17
C ALA A 551 28.02 -9.35 0.73
N ASP A 552 28.43 -10.25 1.61
CA ASP A 552 29.77 -10.18 2.21
C ASP A 552 30.80 -10.61 1.17
N PRO A 553 31.85 -9.80 0.97
CA PRO A 553 32.86 -10.19 -0.01
C PRO A 553 33.61 -11.45 0.47
N GLU A 554 32.85 -12.45 0.91
CA GLU A 554 33.38 -13.72 1.40
C GLU A 554 32.25 -14.76 1.49
N GLY A 555 32.62 -16.02 1.33
CA GLY A 555 31.65 -17.11 1.37
C GLY A 555 30.78 -17.24 2.61
N SER A 556 30.85 -16.27 3.52
CA SER A 556 30.04 -16.34 4.72
C SER A 556 28.60 -16.05 4.34
N PHE A 557 27.68 -16.94 4.73
CA PHE A 557 26.28 -16.76 4.40
C PHE A 557 25.71 -15.52 5.08
N PHE A 558 26.56 -14.78 5.79
CA PHE A 558 26.12 -13.56 6.47
C PHE A 558 26.19 -12.37 5.52
N SER A 559 25.55 -11.28 5.92
CA SER A 559 25.53 -10.08 5.09
C SER A 559 26.42 -8.98 5.68
N VAL A 560 26.42 -7.83 5.03
CA VAL A 560 27.23 -6.72 5.49
C VAL A 560 26.57 -5.39 5.12
N GLU A 561 27.02 -4.32 5.77
CA GLU A 561 26.48 -2.98 5.55
C GLU A 561 27.16 -2.23 4.41
N GLY A 562 27.04 -0.91 4.43
CA GLY A 562 27.68 -0.08 3.42
C GLY A 562 27.13 -0.08 2.01
N GLY A 563 25.98 -0.70 1.79
CA GLY A 563 25.43 -0.70 0.45
C GLY A 563 24.72 0.60 0.12
N GLU A 564 24.50 0.86 -1.16
CA GLU A 564 23.82 2.07 -1.56
C GLU A 564 23.08 1.94 -2.88
N ILE A 565 21.82 2.37 -2.86
CA ILE A 565 20.98 2.35 -4.06
C ILE A 565 20.57 3.77 -4.30
N ARG A 566 20.44 4.14 -5.57
CA ARG A 566 20.05 5.50 -5.92
C ARG A 566 18.97 5.50 -7.00
N ALA A 567 17.95 6.32 -6.78
CA ALA A 567 16.84 6.46 -7.69
C ALA A 567 16.56 7.93 -7.99
N ARG A 568 16.28 8.22 -9.25
CA ARG A 568 15.99 9.57 -9.69
C ARG A 568 14.98 9.47 -10.82
N GLY A 569 14.08 10.45 -10.92
CA GLY A 569 13.11 10.37 -11.99
C GLY A 569 12.22 11.58 -12.17
N VAL A 570 11.21 11.40 -13.01
CA VAL A 570 10.28 12.47 -13.30
C VAL A 570 8.86 11.93 -13.19
N GLU A 571 8.03 12.66 -12.46
CA GLU A 571 6.65 12.27 -12.28
C GLU A 571 5.83 13.51 -12.59
N ILE A 572 4.73 13.32 -13.31
CA ILE A 572 3.85 14.42 -13.63
C ILE A 572 2.45 13.82 -13.49
N GLU A 573 1.52 14.59 -12.93
CA GLU A 573 0.15 14.14 -12.73
C GLU A 573 -0.80 15.27 -13.12
N ALA A 574 -1.90 14.90 -13.78
CA ALA A 574 -2.89 15.88 -14.22
C ALA A 574 -4.34 15.47 -13.94
N LYS A 575 -5.09 16.38 -13.33
CA LYS A 575 -6.50 16.16 -13.00
C LYS A 575 -7.31 17.42 -13.31
N ARG A 576 -8.37 17.29 -14.09
CA ARG A 576 -9.20 18.44 -14.41
C ARG A 576 -10.45 18.14 -15.22
N PRO A 577 -11.55 18.85 -14.91
CA PRO A 577 -12.85 18.71 -15.58
C PRO A 577 -13.01 19.70 -16.73
N LEU A 578 -12.67 19.24 -17.93
CA LEU A 578 -12.76 20.03 -19.14
C LEU A 578 -14.19 20.55 -19.40
N SER A 579 -15.12 20.17 -18.53
CA SER A 579 -16.52 20.58 -18.65
C SER A 579 -17.33 19.79 -17.65
N ALA A 580 -18.58 20.20 -17.43
CA ALA A 580 -19.44 19.52 -16.48
C ALA A 580 -19.69 18.06 -16.86
N SER A 581 -19.30 17.69 -18.09
CA SER A 581 -19.52 16.33 -18.57
C SER A 581 -18.25 15.53 -18.79
N VAL A 582 -17.12 16.21 -18.89
CA VAL A 582 -15.84 15.52 -19.11
C VAL A 582 -14.84 15.77 -18.00
N ASN A 583 -14.10 14.73 -17.65
CA ASN A 583 -13.06 14.80 -16.62
C ASN A 583 -11.90 13.97 -17.13
N VAL A 584 -10.69 14.43 -16.87
CA VAL A 584 -9.52 13.67 -17.29
C VAL A 584 -8.48 13.58 -16.17
N VAL A 585 -8.02 12.37 -15.93
CA VAL A 585 -7.02 12.11 -14.91
C VAL A 585 -5.95 11.23 -15.53
N GLY A 586 -4.69 11.56 -15.26
CA GLY A 586 -3.63 10.75 -15.81
C GLY A 586 -2.29 11.12 -15.20
N SER A 587 -1.28 10.29 -15.46
CA SER A 587 0.04 10.55 -14.92
C SER A 587 1.07 9.84 -15.77
N TYR A 588 2.32 10.27 -15.62
CA TYR A 588 3.46 9.70 -16.31
C TYR A 588 4.60 9.58 -15.30
N THR A 589 5.38 8.51 -15.38
CA THR A 589 6.46 8.30 -14.44
C THR A 589 7.68 7.68 -15.07
N TYR A 590 8.80 8.40 -14.99
CA TYR A 590 10.06 7.89 -15.50
C TYR A 590 10.90 7.74 -14.24
N THR A 591 11.37 6.52 -13.98
CA THR A 591 12.16 6.28 -12.78
C THR A 591 13.41 5.51 -13.13
N ASP A 592 14.55 6.05 -12.71
CA ASP A 592 15.86 5.49 -12.95
C ASP A 592 16.49 5.09 -11.62
N ALA A 593 16.30 3.84 -11.22
CA ALA A 593 16.87 3.35 -9.97
C ALA A 593 18.03 2.44 -10.29
N GLU A 594 19.01 2.38 -9.40
CA GLU A 594 20.18 1.55 -9.66
C GLU A 594 21.03 1.29 -8.43
N TYR A 595 21.73 0.16 -8.43
CA TYR A 595 22.63 -0.18 -7.32
C TYR A 595 23.93 0.57 -7.57
N THR A 596 24.12 1.71 -6.89
CA THR A 596 25.33 2.50 -7.05
C THR A 596 26.55 1.89 -6.38
N THR A 597 26.32 1.02 -5.41
CA THR A 597 27.43 0.37 -4.71
C THR A 597 27.00 -0.85 -3.91
N ASP A 598 27.06 -2.00 -4.57
CA ASP A 598 26.70 -3.27 -3.97
C ASP A 598 27.74 -4.30 -4.39
N THR A 599 28.23 -5.06 -3.41
CA THR A 599 29.24 -6.08 -3.66
C THR A 599 28.86 -7.16 -4.66
N THR A 600 27.70 -7.05 -5.30
CA THR A 600 27.30 -8.09 -6.23
C THR A 600 26.41 -7.66 -7.37
N TYR A 601 25.48 -6.74 -7.10
CA TYR A 601 24.57 -6.30 -8.15
C TYR A 601 24.86 -4.87 -8.59
N LYS A 602 26.07 -4.40 -8.31
CA LYS A 602 26.48 -3.05 -8.70
C LYS A 602 26.24 -2.75 -10.17
N GLY A 603 25.51 -1.67 -10.43
CA GLY A 603 25.22 -1.28 -11.79
C GLY A 603 23.84 -1.70 -12.26
N ASN A 604 23.35 -2.82 -11.75
CA ASN A 604 22.02 -3.32 -12.13
C ASN A 604 20.93 -2.45 -11.51
N THR A 605 19.70 -2.67 -11.96
CA THR A 605 18.56 -1.92 -11.43
C THR A 605 17.72 -2.89 -10.59
N PRO A 606 17.22 -2.43 -9.42
CA PRO A 606 16.40 -3.28 -8.57
C PRO A 606 15.27 -3.95 -9.34
N ALA A 607 14.92 -5.16 -8.94
CA ALA A 607 13.88 -5.92 -9.61
C ALA A 607 12.49 -5.33 -9.36
N GLN A 608 11.55 -5.60 -10.26
CA GLN A 608 10.17 -5.12 -10.15
C GLN A 608 10.02 -3.61 -10.29
N VAL A 609 11.08 -2.93 -10.73
CA VAL A 609 11.04 -1.49 -10.92
C VAL A 609 11.11 -1.11 -12.40
N PRO A 610 9.99 -0.67 -12.99
CA PRO A 610 9.99 -0.29 -14.40
C PRO A 610 10.49 1.14 -14.58
N LYS A 611 11.04 1.44 -15.76
CA LYS A 611 11.56 2.77 -16.04
C LYS A 611 10.46 3.73 -16.46
N HIS A 612 9.43 3.19 -17.11
CA HIS A 612 8.31 3.99 -17.57
C HIS A 612 6.98 3.52 -17.01
N MET A 613 6.10 4.47 -16.77
CA MET A 613 4.80 4.19 -16.23
C MET A 613 3.92 5.33 -16.71
N ALA A 614 2.78 5.00 -17.28
CA ALA A 614 1.87 6.02 -17.77
C ALA A 614 0.46 5.59 -17.45
N SER A 615 -0.46 6.55 -17.38
CA SER A 615 -1.84 6.21 -17.10
C SER A 615 -2.75 7.36 -17.49
N LEU A 616 -3.88 7.02 -18.09
CA LEU A 616 -4.84 8.02 -18.51
C LEU A 616 -6.25 7.51 -18.36
N TRP A 617 -7.12 8.35 -17.79
CA TRP A 617 -8.51 8.02 -17.60
C TRP A 617 -9.37 9.23 -17.91
N ALA A 618 -10.50 8.98 -18.55
CA ALA A 618 -11.43 10.04 -18.91
C ALA A 618 -12.84 9.49 -18.87
N ASP A 619 -13.81 10.35 -18.59
CA ASP A 619 -15.20 9.93 -18.55
C ASP A 619 -16.11 11.07 -18.99
N TYR A 620 -17.24 10.70 -19.59
CA TYR A 620 -18.24 11.63 -20.08
C TYR A 620 -19.59 11.27 -19.48
N THR A 621 -20.39 12.28 -19.23
CA THR A 621 -21.72 12.07 -18.66
C THR A 621 -22.77 12.88 -19.42
N PHE A 622 -23.86 12.23 -19.82
CA PHE A 622 -24.94 12.91 -20.53
C PHE A 622 -25.88 13.54 -19.53
N PHE A 623 -26.03 14.86 -19.60
CA PHE A 623 -26.94 15.54 -18.69
C PHE A 623 -28.24 15.79 -19.44
N ASP A 624 -28.10 16.26 -20.68
CA ASP A 624 -29.24 16.57 -21.53
C ASP A 624 -29.38 15.59 -22.69
N GLY A 625 -30.57 15.03 -22.83
CA GLY A 625 -30.83 14.09 -23.91
C GLY A 625 -31.58 12.86 -23.44
N PRO A 626 -31.62 11.81 -24.26
CA PRO A 626 -32.32 10.57 -23.90
C PRO A 626 -31.47 9.76 -22.92
N LEU A 627 -30.15 9.87 -23.08
CA LEU A 627 -29.19 9.15 -22.24
C LEU A 627 -28.85 9.93 -20.97
N SER A 628 -29.69 10.89 -20.60
CA SER A 628 -29.43 11.69 -19.40
C SER A 628 -29.13 10.79 -18.21
N GLY A 629 -28.13 11.19 -17.43
CA GLY A 629 -27.74 10.43 -16.25
C GLY A 629 -26.84 9.25 -16.57
N LEU A 630 -26.52 9.08 -17.85
CA LEU A 630 -25.65 7.99 -18.26
C LEU A 630 -24.21 8.48 -18.26
N THR A 631 -23.31 7.66 -17.73
CA THR A 631 -21.90 8.00 -17.68
C THR A 631 -21.11 6.88 -18.35
N LEU A 632 -20.01 7.24 -19.01
CA LEU A 632 -19.17 6.26 -19.70
C LEU A 632 -17.73 6.65 -19.47
N GLY A 633 -16.89 5.67 -19.14
CA GLY A 633 -15.50 5.96 -18.90
C GLY A 633 -14.59 4.86 -19.37
N THR A 634 -13.36 5.24 -19.69
CA THR A 634 -12.34 4.29 -20.12
C THR A 634 -11.03 4.87 -19.64
N GLY A 635 -10.05 4.00 -19.48
CA GLY A 635 -8.75 4.44 -19.02
C GLY A 635 -7.73 3.39 -19.36
N GLY A 636 -6.47 3.81 -19.44
CA GLY A 636 -5.41 2.87 -19.76
C GLY A 636 -4.21 3.11 -18.87
N ARG A 637 -3.69 2.03 -18.28
CA ARG A 637 -2.52 2.12 -17.44
C ARG A 637 -1.42 1.30 -18.11
N TYR A 638 -0.38 1.99 -18.54
CA TYR A 638 0.74 1.34 -19.19
C TYR A 638 1.87 1.09 -18.20
N THR A 639 2.39 -0.12 -18.21
CA THR A 639 3.47 -0.48 -17.33
C THR A 639 4.65 -0.95 -18.20
N GLY A 640 5.73 -0.18 -18.16
CA GLY A 640 6.92 -0.50 -18.93
C GLY A 640 7.55 -1.80 -18.44
N SER A 641 8.56 -2.29 -19.15
CA SER A 641 9.22 -3.54 -18.78
C SER A 641 10.03 -3.43 -17.49
N SER A 642 10.50 -4.56 -16.97
CA SER A 642 11.26 -4.56 -15.74
C SER A 642 12.09 -5.84 -15.60
N TYR A 643 13.09 -5.80 -14.73
CA TYR A 643 13.95 -6.95 -14.50
C TYR A 643 13.31 -7.92 -13.53
N GLY A 644 13.44 -9.21 -13.83
CA GLY A 644 12.87 -10.25 -13.00
C GLY A 644 13.69 -10.67 -11.81
N ASP A 645 14.93 -10.18 -11.69
CA ASP A 645 15.78 -10.50 -10.54
C ASP A 645 16.84 -9.43 -10.35
N PRO A 646 17.49 -9.41 -9.18
CA PRO A 646 18.54 -8.41 -8.90
C PRO A 646 19.79 -8.57 -9.77
N ALA A 647 19.93 -9.73 -10.40
CA ALA A 647 21.08 -9.99 -11.27
C ALA A 647 20.75 -9.51 -12.67
N ASN A 648 19.53 -9.04 -12.87
CA ASN A 648 19.08 -8.55 -14.17
C ASN A 648 19.32 -9.59 -15.27
N SER A 649 19.21 -10.87 -14.91
CA SER A 649 19.42 -11.97 -15.86
C SER A 649 18.25 -12.22 -16.81
N PHE A 650 17.13 -11.56 -16.57
CA PHE A 650 15.97 -11.72 -17.44
C PHE A 650 14.98 -10.58 -17.22
N LYS A 651 14.21 -10.25 -18.25
CA LYS A 651 13.28 -9.15 -18.13
C LYS A 651 11.82 -9.59 -18.17
N VAL A 652 10.94 -8.68 -17.79
CA VAL A 652 9.51 -8.94 -17.80
C VAL A 652 8.88 -7.94 -18.74
N GLY A 653 8.15 -8.46 -19.71
CA GLY A 653 7.50 -7.63 -20.71
C GLY A 653 6.58 -6.55 -20.22
N SER A 654 6.65 -5.41 -20.89
CA SER A 654 5.79 -4.27 -20.57
C SER A 654 4.39 -4.75 -20.92
N TYR A 655 3.39 -4.03 -20.44
CA TYR A 655 2.00 -4.37 -20.74
C TYR A 655 1.08 -3.16 -20.62
N THR A 656 -0.08 -3.25 -21.25
CA THR A 656 -1.05 -2.17 -21.22
C THR A 656 -2.40 -2.74 -20.86
N VAL A 657 -3.04 -2.19 -19.84
CA VAL A 657 -4.34 -2.70 -19.42
C VAL A 657 -5.38 -1.62 -19.62
N VAL A 658 -6.54 -2.01 -20.12
CA VAL A 658 -7.61 -1.07 -20.37
C VAL A 658 -8.82 -1.36 -19.49
N ASP A 659 -9.40 -0.32 -18.90
CA ASP A 659 -10.58 -0.48 -18.04
C ASP A 659 -11.71 0.33 -18.63
N ALA A 660 -12.94 -0.14 -18.45
CA ALA A 660 -14.11 0.55 -18.96
C ALA A 660 -15.14 0.68 -17.84
N LEU A 661 -16.10 1.57 -18.04
CA LEU A 661 -17.12 1.83 -17.05
C LEU A 661 -18.46 2.33 -17.62
N VAL A 662 -19.56 1.83 -17.07
CA VAL A 662 -20.89 2.24 -17.49
C VAL A 662 -21.77 2.44 -16.25
N ARG A 663 -22.14 3.69 -15.99
CA ARG A 663 -22.96 4.05 -14.84
C ARG A 663 -24.22 4.80 -15.25
N TYR A 664 -25.31 4.52 -14.55
CA TYR A 664 -26.58 5.15 -14.84
C TYR A 664 -27.31 5.68 -13.58
N ASP A 665 -27.40 7.01 -13.47
CA ASP A 665 -28.09 7.60 -12.33
C ASP A 665 -29.51 7.07 -12.38
N LEU A 666 -30.11 6.81 -11.22
CA LEU A 666 -31.47 6.27 -11.21
C LEU A 666 -32.55 7.30 -10.90
N ALA A 667 -32.28 8.58 -11.15
CA ALA A 667 -33.24 9.64 -10.88
C ALA A 667 -34.49 9.44 -11.74
N ARG A 668 -34.27 8.93 -12.95
CA ARG A 668 -35.34 8.68 -13.91
C ARG A 668 -36.40 7.77 -13.31
N VAL A 669 -36.01 6.54 -13.03
CA VAL A 669 -36.92 5.54 -12.46
C VAL A 669 -37.55 5.95 -11.12
N GLY A 670 -37.03 7.01 -10.49
CA GLY A 670 -37.60 7.45 -9.23
C GLY A 670 -36.68 7.54 -8.02
N MET A 671 -35.40 7.18 -8.18
CA MET A 671 -34.46 7.25 -7.07
C MET A 671 -33.22 8.08 -7.34
N ALA A 672 -33.17 9.27 -6.73
CA ALA A 672 -32.03 10.15 -6.91
C ALA A 672 -30.94 9.68 -5.95
N GLY A 673 -29.69 10.01 -6.26
CA GLY A 673 -28.59 9.61 -5.41
C GLY A 673 -28.17 8.16 -5.62
N SER A 674 -29.14 7.32 -5.96
CA SER A 674 -28.87 5.91 -6.21
C SER A 674 -28.41 5.74 -7.64
N ASN A 675 -27.75 4.62 -7.92
CA ASN A 675 -27.29 4.34 -9.27
C ASN A 675 -26.90 2.89 -9.47
N VAL A 676 -26.79 2.51 -10.73
CA VAL A 676 -26.41 1.17 -11.13
C VAL A 676 -25.14 1.33 -11.96
N ALA A 677 -24.23 0.37 -11.85
CA ALA A 677 -22.97 0.45 -12.57
C ALA A 677 -22.46 -0.90 -13.06
N LEU A 678 -21.66 -0.84 -14.12
CA LEU A 678 -21.09 -2.03 -14.69
C LEU A 678 -19.62 -1.68 -14.93
N HIS A 679 -18.73 -2.38 -14.23
CA HIS A 679 -17.30 -2.13 -14.38
C HIS A 679 -16.62 -3.28 -15.08
N VAL A 680 -15.60 -2.97 -15.88
CA VAL A 680 -14.87 -3.99 -16.58
C VAL A 680 -13.39 -3.63 -16.53
N ASN A 681 -12.61 -4.51 -15.91
CA ASN A 681 -11.17 -4.28 -15.79
C ASN A 681 -10.47 -5.27 -16.68
N ASN A 682 -9.38 -4.83 -17.29
CA ASN A 682 -8.63 -5.66 -18.22
C ASN A 682 -9.59 -6.06 -19.35
N LEU A 683 -10.20 -5.05 -19.96
CA LEU A 683 -11.17 -5.19 -21.03
C LEU A 683 -10.80 -6.16 -22.15
N PHE A 684 -9.59 -6.05 -22.67
CA PHE A 684 -9.15 -6.93 -23.75
C PHE A 684 -8.60 -8.22 -23.22
N ASP A 685 -8.96 -8.53 -21.98
CA ASP A 685 -8.53 -9.75 -21.32
C ASP A 685 -7.11 -10.15 -21.68
N ARG A 686 -6.18 -9.22 -21.52
CA ARG A 686 -4.77 -9.47 -21.82
C ARG A 686 -4.17 -10.43 -20.80
N GLU A 687 -3.26 -11.28 -21.24
CA GLU A 687 -2.60 -12.23 -20.36
C GLU A 687 -1.11 -11.86 -20.22
N TYR A 688 -0.72 -11.34 -19.06
CA TYR A 688 0.65 -10.91 -18.82
C TYR A 688 1.13 -11.27 -17.41
N VAL A 689 2.44 -11.29 -17.17
CA VAL A 689 2.91 -11.56 -15.83
C VAL A 689 3.20 -10.17 -15.25
N ALA A 690 2.64 -9.89 -14.08
CA ALA A 690 2.80 -8.58 -13.45
C ALA A 690 4.25 -8.26 -13.10
N SER A 691 4.98 -9.27 -12.63
CA SER A 691 6.39 -9.09 -12.28
C SER A 691 7.00 -10.35 -11.69
N CYS A 692 8.30 -10.28 -11.42
CA CYS A 692 9.03 -11.39 -10.81
C CYS A 692 10.07 -10.75 -9.89
N PHE A 693 10.25 -11.32 -8.71
CA PHE A 693 11.24 -10.79 -7.79
C PHE A 693 12.45 -11.72 -7.91
N ASN A 694 12.28 -12.73 -8.76
CA ASN A 694 13.33 -13.71 -9.03
C ASN A 694 12.85 -14.75 -10.06
N THR A 695 13.74 -15.63 -10.49
CA THR A 695 13.41 -16.65 -11.48
C THR A 695 12.32 -17.62 -11.03
N TYR A 696 12.27 -17.88 -9.72
CA TYR A 696 11.28 -18.80 -9.17
C TYR A 696 10.12 -18.08 -8.49
N GLY A 697 10.01 -16.78 -8.71
CA GLY A 697 8.95 -16.00 -8.11
C GLY A 697 8.28 -14.98 -9.03
N CYS A 698 7.34 -15.46 -9.85
CA CYS A 698 6.62 -14.61 -10.78
C CYS A 698 5.12 -14.67 -10.54
N PHE A 699 4.39 -13.66 -10.99
CA PHE A 699 2.95 -13.63 -10.77
C PHE A 699 2.12 -13.23 -11.98
N TRP A 700 1.18 -14.09 -12.37
CA TRP A 700 0.28 -13.79 -13.49
C TRP A 700 -0.56 -12.57 -13.12
N GLY A 701 -0.82 -11.71 -14.10
CA GLY A 701 -1.64 -10.54 -13.85
C GLY A 701 -3.10 -10.96 -13.72
N ALA A 702 -3.99 -10.01 -13.52
CA ALA A 702 -5.40 -10.31 -13.33
C ALA A 702 -6.16 -10.42 -14.64
N GLU A 703 -6.93 -11.50 -14.80
CA GLU A 703 -7.72 -11.66 -16.02
C GLU A 703 -8.86 -10.66 -15.99
N ARG A 704 -9.53 -10.53 -17.12
CA ARG A 704 -10.65 -9.62 -17.27
C ARG A 704 -11.68 -9.87 -16.17
N GLN A 705 -12.24 -8.80 -15.63
CA GLN A 705 -13.26 -8.94 -14.59
C GLN A 705 -14.42 -8.01 -14.91
N VAL A 706 -15.65 -8.51 -14.75
CA VAL A 706 -16.83 -7.70 -14.97
C VAL A 706 -17.62 -7.74 -13.69
N VAL A 707 -18.02 -6.58 -13.22
CA VAL A 707 -18.75 -6.48 -11.97
C VAL A 707 -19.95 -5.54 -12.07
N ALA A 708 -21.09 -6.01 -11.57
CA ALA A 708 -22.31 -5.22 -11.56
C ALA A 708 -22.49 -4.70 -10.13
N THR A 709 -22.73 -3.41 -10.01
CA THR A 709 -22.88 -2.79 -8.69
C THR A 709 -24.12 -1.91 -8.57
N ALA A 710 -24.96 -2.25 -7.60
CA ALA A 710 -26.18 -1.52 -7.33
C ALA A 710 -26.00 -0.81 -6.00
N THR A 711 -26.00 0.51 -6.02
CA THR A 711 -25.85 1.25 -4.78
C THR A 711 -27.08 2.16 -4.61
N PHE A 712 -27.91 1.81 -3.62
CA PHE A 712 -29.15 2.52 -3.31
C PHE A 712 -29.07 3.36 -2.05
N ARG A 713 -29.56 4.60 -2.14
CA ARG A 713 -29.55 5.49 -1.01
C ARG A 713 -30.97 5.89 -0.64
N PHE A 714 -31.34 5.68 0.61
CA PHE A 714 -32.66 6.03 1.06
C PHE A 714 -32.57 7.34 1.83
#